data_7ODZ
#
_entry.id   7ODZ
#
_cell.length_a   140.440
_cell.length_b   140.440
_cell.length_c   95.280
_cell.angle_alpha   90.000
_cell.angle_beta   90.000
_cell.angle_gamma   90.000
#
_symmetry.space_group_name_H-M   'P 41 21 2'
#
loop_
_entity.id
_entity.type
_entity.pdbx_description
1 polymer DyPA
2 non-polymer 'PROTOPORPHYRIN IX CONTAINING FE'
3 non-polymer 'Veratryl alcohol'
4 non-polymer 1,2-ETHANEDIOL
5 non-polymer 'OXYGEN MOLECULE'
6 water water
#
_entity_poly.entity_id   1
_entity_poly.type   'polypeptide(L)'
_entity_poly.pdbx_seq_one_letter_code
;GPLGSMAQSTVLPMHCLYGIFLEGNLKIQKNDQEGLKKFKDNIKKFTLELDEIDKISPQSRIGGAICFSSDIWDTVTKKI
SKPKELKSVNTLSSYMPGTSQRDILIHIISDRMDTCFKLAQDTMRNFGEDQLDIKQEIHGFRRVEERDLTDFIDGTENPD
GDELRTQYGLVAAGQPNEFGSYVFTQRYVHNLKKWYPEPLSVQQDTVGRTKKDSIEIPRDKRPITSHVSRTDLSENGKDL
KIVRQSLPYGQITGEKGLMFIAYACSLHNIEKQLQSMFGQLDGKHDLLLKYTTPVTGSFYFAPSKKELLEL
;
_entity_poly.pdbx_strand_id   A,B
#
loop_
_chem_comp.id
_chem_comp.type
_chem_comp.name
_chem_comp.formula
EDO non-polymer 1,2-ETHANEDIOL 'C2 H6 O2'
HEM non-polymer 'PROTOPORPHYRIN IX CONTAINING FE' 'C34 H32 Fe N4 O4'
OXY non-polymer 'OXYGEN MOLECULE' O2
VOH non-polymer 'Veratryl alcohol' 'C9 H12 O3'
#
# COMPACT_ATOMS: atom_id res chain seq x y z
N SER A 5 22.12 -22.76 -15.24
CA SER A 5 20.70 -22.65 -14.90
C SER A 5 20.53 -21.78 -13.64
N MET A 6 19.42 -21.06 -13.58
CA MET A 6 19.22 -20.06 -12.54
C MET A 6 17.86 -20.21 -11.88
N ALA A 7 17.75 -19.59 -10.73
CA ALA A 7 16.53 -19.61 -9.95
C ALA A 7 15.59 -18.51 -10.42
N GLN A 8 14.34 -18.60 -9.97
CA GLN A 8 13.48 -17.43 -10.06
C GLN A 8 14.02 -16.34 -9.12
N SER A 9 13.56 -15.11 -9.31
CA SER A 9 14.35 -13.95 -8.88
C SER A 9 13.87 -13.32 -7.56
N THR A 10 13.24 -14.10 -6.68
CA THR A 10 12.85 -13.59 -5.38
C THR A 10 13.66 -14.17 -4.22
N VAL A 11 14.58 -15.10 -4.47
CA VAL A 11 15.24 -15.78 -3.36
C VAL A 11 16.54 -15.06 -3.01
N LEU A 12 17.43 -14.90 -3.99
CA LEU A 12 18.76 -14.37 -3.69
C LEU A 12 18.78 -12.88 -3.35
N PRO A 13 18.01 -12.00 -4.01
CA PRO A 13 18.14 -10.58 -3.71
C PRO A 13 17.64 -10.21 -2.33
N MET A 14 18.25 -9.18 -1.75
CA MET A 14 17.92 -8.77 -0.39
C MET A 14 17.35 -7.36 -0.34
N HIS A 15 16.64 -7.07 0.75
CA HIS A 15 16.30 -5.70 1.16
C HIS A 15 15.31 -5.02 0.23
N CYS A 16 14.44 -5.79 -0.45
CA CYS A 16 13.36 -5.19 -1.23
C CYS A 16 12.55 -4.21 -0.39
N LEU A 17 12.05 -3.15 -1.02
CA LEU A 17 11.22 -2.19 -0.28
C LEU A 17 9.73 -2.45 -0.40
N TYR A 18 9.29 -3.25 -1.40
CA TYR A 18 7.89 -3.52 -1.67
C TYR A 18 7.76 -4.98 -2.07
N GLY A 19 6.64 -5.58 -1.71
CA GLY A 19 6.38 -6.93 -2.17
C GLY A 19 4.89 -7.10 -2.33
N ILE A 20 4.45 -7.71 -3.42
CA ILE A 20 3.04 -8.03 -3.61
C ILE A 20 2.92 -9.54 -3.59
N PHE A 21 1.95 -10.03 -2.83
CA PHE A 21 1.71 -11.45 -2.61
C PHE A 21 0.31 -11.75 -3.13
N LEU A 22 0.23 -12.62 -4.13
CA LEU A 22 -1.05 -13.03 -4.70
C LEU A 22 -1.15 -14.54 -4.54
N GLU A 23 -2.16 -15.01 -3.82
CA GLU A 23 -2.33 -16.44 -3.57
C GLU A 23 -3.73 -16.84 -3.98
N GLY A 24 -3.86 -17.96 -4.68
CA GLY A 24 -5.19 -18.36 -5.06
C GLY A 24 -5.19 -19.72 -5.73
N ASN A 25 -6.32 -20.05 -6.33
CA ASN A 25 -6.52 -21.39 -6.84
C ASN A 25 -6.66 -21.37 -8.36
N LEU A 26 -6.26 -22.48 -8.96
CA LEU A 26 -6.31 -22.65 -10.40
C LEU A 26 -7.68 -23.14 -10.82
N LYS A 27 -8.31 -22.43 -11.75
CA LYS A 27 -9.62 -22.79 -12.26
C LYS A 27 -9.55 -23.77 -13.43
N ILE A 28 -8.39 -23.93 -14.04
CA ILE A 28 -8.24 -24.81 -15.20
C ILE A 28 -8.21 -26.26 -14.74
N GLN A 29 -9.04 -27.10 -15.36
CA GLN A 29 -9.12 -28.51 -14.98
C GLN A 29 -7.99 -29.31 -15.62
N LYS A 30 -7.68 -30.45 -15.00
CA LYS A 30 -6.57 -31.29 -15.46
C LYS A 30 -6.79 -31.77 -16.88
N ASN A 31 -8.03 -31.90 -17.34
CA ASN A 31 -8.33 -32.39 -18.68
C ASN A 31 -8.26 -31.31 -19.75
N ASP A 32 -8.13 -30.05 -19.36
CA ASP A 32 -8.31 -28.93 -20.29
C ASP A 32 -6.95 -28.58 -20.89
N GLN A 33 -6.63 -29.23 -22.01
CA GLN A 33 -5.30 -29.05 -22.61
C GLN A 33 -5.11 -27.66 -23.18
N GLU A 34 -6.15 -27.10 -23.80
CA GLU A 34 -5.99 -25.77 -24.38
C GLU A 34 -5.90 -24.69 -23.30
N GLY A 35 -6.69 -24.84 -22.23
CA GLY A 35 -6.56 -23.91 -21.12
C GLY A 35 -5.21 -24.00 -20.43
N LEU A 36 -4.67 -25.21 -20.33
CA LEU A 36 -3.34 -25.35 -19.74
C LEU A 36 -2.26 -24.76 -20.63
N LYS A 37 -2.41 -24.86 -21.96
CA LYS A 37 -1.46 -24.20 -22.84
C LYS A 37 -1.53 -22.69 -22.66
N LYS A 38 -2.75 -22.14 -22.50
CA LYS A 38 -2.89 -20.70 -22.30
C LYS A 38 -2.30 -20.29 -20.96
N PHE A 39 -2.50 -21.12 -19.94
CA PHE A 39 -1.91 -20.87 -18.62
C PHE A 39 -0.39 -20.78 -18.70
N LYS A 40 0.23 -21.70 -19.44
CA LYS A 40 1.69 -21.68 -19.53
C LYS A 40 2.18 -20.53 -20.40
N ASP A 41 1.39 -20.11 -21.39
CA ASP A 41 1.75 -18.90 -22.12
C ASP A 41 1.75 -17.68 -21.20
N ASN A 42 0.80 -17.61 -20.26
CA ASN A 42 0.77 -16.53 -19.31
C ASN A 42 1.96 -16.60 -18.34
N ILE A 43 2.40 -17.82 -18.00
CA ILE A 43 3.63 -17.96 -17.22
C ILE A 43 4.81 -17.38 -18.00
N LYS A 44 4.88 -17.69 -19.29
CA LYS A 44 5.97 -17.17 -20.12
C LYS A 44 5.93 -15.64 -20.17
N LYS A 45 4.74 -15.07 -20.34
CA LYS A 45 4.62 -13.61 -20.34
C LYS A 45 5.15 -12.99 -19.06
N PHE A 46 4.91 -13.64 -17.92
CA PHE A 46 5.43 -13.16 -16.64
C PHE A 46 6.95 -13.08 -16.67
N THR A 47 7.61 -14.17 -17.09
CA THR A 47 9.07 -14.17 -17.12
C THR A 47 9.60 -13.12 -18.09
N LEU A 48 8.92 -12.92 -19.21
CA LEU A 48 9.36 -11.92 -20.17
C LEU A 48 9.19 -10.52 -19.62
N GLU A 49 8.09 -10.27 -18.90
CA GLU A 49 7.87 -8.93 -18.38
C GLU A 49 8.85 -8.58 -17.27
N LEU A 50 9.22 -9.56 -16.44
CA LEU A 50 10.28 -9.34 -15.45
C LEU A 50 11.54 -8.84 -16.13
N ASP A 51 11.95 -9.49 -17.23
CA ASP A 51 13.15 -9.06 -17.92
C ASP A 51 12.97 -7.66 -18.50
N GLU A 52 11.79 -7.35 -19.02
CA GLU A 52 11.58 -6.03 -19.61
C GLU A 52 11.59 -4.94 -18.55
N ILE A 53 10.95 -5.19 -17.39
CA ILE A 53 11.01 -4.19 -16.33
C ILE A 53 12.44 -4.01 -15.85
N ASP A 54 13.19 -5.10 -15.73
CA ASP A 54 14.57 -4.98 -15.29
C ASP A 54 15.38 -4.11 -16.24
N LYS A 55 15.13 -4.20 -17.55
CA LYS A 55 15.87 -3.39 -18.51
C LYS A 55 15.48 -1.92 -18.42
N ILE A 56 14.19 -1.63 -18.24
CA ILE A 56 13.69 -0.27 -18.27
C ILE A 56 13.93 0.43 -16.94
N SER A 57 13.88 -0.32 -15.85
CA SER A 57 13.92 0.22 -14.49
C SER A 57 14.89 -0.58 -13.65
N PRO A 58 16.20 -0.52 -13.97
CA PRO A 58 17.19 -1.21 -13.12
C PRO A 58 17.10 -0.80 -11.66
N GLN A 59 16.72 0.44 -11.38
CA GLN A 59 16.59 0.92 -10.01
C GLN A 59 15.51 0.18 -9.23
N SER A 60 14.54 -0.46 -9.91
CA SER A 60 13.53 -1.23 -9.19
C SER A 60 14.09 -2.49 -8.54
N ARG A 61 15.21 -3.02 -9.03
CA ARG A 61 15.69 -4.34 -8.57
C ARG A 61 14.52 -5.32 -8.53
N ILE A 62 13.81 -5.40 -9.67
CA ILE A 62 12.57 -6.18 -9.73
C ILE A 62 12.87 -7.67 -9.57
N GLY A 63 11.93 -8.39 -8.98
CA GLY A 63 12.04 -9.83 -8.86
C GLY A 63 10.66 -10.43 -8.83
N GLY A 64 10.56 -11.70 -9.24
CA GLY A 64 9.25 -12.34 -9.20
C GLY A 64 9.37 -13.84 -9.26
N ALA A 65 8.37 -14.51 -8.68
CA ALA A 65 8.32 -15.97 -8.72
C ALA A 65 6.88 -16.44 -8.78
N ILE A 66 6.65 -17.49 -9.56
CA ILE A 66 5.39 -18.24 -9.56
C ILE A 66 5.66 -19.59 -8.92
N CYS A 67 4.81 -19.99 -7.97
CA CYS A 67 5.04 -21.15 -7.13
C CYS A 67 3.78 -22.01 -7.07
N PHE A 68 3.96 -23.33 -6.91
CA PHE A 68 2.88 -24.30 -7.07
C PHE A 68 2.76 -25.20 -5.85
N SER A 69 1.52 -25.52 -5.48
CA SER A 69 1.29 -26.43 -4.36
C SER A 69 1.43 -27.90 -4.79
N SER A 70 1.56 -28.78 -3.80
CA SER A 70 1.58 -30.21 -4.11
C SER A 70 0.24 -30.67 -4.68
N ASP A 71 -0.87 -30.07 -4.26
CA ASP A 71 -2.17 -30.53 -4.75
C ASP A 71 -2.36 -30.20 -6.23
N ILE A 72 -1.75 -29.13 -6.71
CA ILE A 72 -1.95 -28.71 -8.10
C ILE A 72 -0.84 -29.19 -9.01
N TRP A 73 0.22 -29.78 -8.46
CA TRP A 73 1.42 -30.07 -9.25
C TRP A 73 1.10 -30.92 -10.49
N ASP A 74 0.39 -32.03 -10.30
CA ASP A 74 0.13 -32.92 -11.44
C ASP A 74 -0.95 -32.40 -12.37
N THR A 75 -1.64 -31.33 -12.01
CA THR A 75 -2.48 -30.62 -12.97
C THR A 75 -1.64 -29.77 -13.91
N VAL A 76 -0.65 -29.06 -13.37
CA VAL A 76 0.12 -28.14 -14.20
C VAL A 76 1.22 -28.84 -14.99
N THR A 77 1.65 -30.03 -14.60
CA THR A 77 2.71 -30.68 -15.36
C THR A 77 2.60 -32.18 -15.28
N LYS A 78 2.85 -32.85 -16.40
CA LYS A 78 3.09 -34.28 -16.41
C LYS A 78 4.55 -34.59 -16.76
N LYS A 79 5.40 -33.57 -16.81
CA LYS A 79 6.80 -33.72 -17.21
C LYS A 79 7.78 -33.58 -16.06
N ILE A 80 7.54 -32.66 -15.14
CA ILE A 80 8.47 -32.37 -14.06
C ILE A 80 8.06 -33.17 -12.83
N SER A 81 9.00 -33.89 -12.25
CA SER A 81 8.72 -34.69 -11.06
C SER A 81 8.34 -33.79 -9.89
N LYS A 82 7.41 -34.24 -9.08
CA LYS A 82 6.97 -33.44 -7.94
C LYS A 82 8.09 -33.37 -6.91
N PRO A 83 8.40 -32.18 -6.38
CA PRO A 83 9.49 -32.09 -5.40
C PRO A 83 9.19 -32.99 -4.21
N LYS A 84 10.25 -33.69 -3.77
CA LYS A 84 10.09 -34.81 -2.83
C LYS A 84 9.40 -34.41 -1.53
N GLU A 85 9.62 -33.19 -1.04
CA GLU A 85 9.08 -32.83 0.27
C GLU A 85 7.78 -32.06 0.19
N LEU A 86 7.30 -31.74 -1.01
CA LEU A 86 6.15 -30.86 -1.13
C LEU A 86 4.88 -31.54 -0.62
N LYS A 87 4.13 -30.82 0.21
CA LYS A 87 2.89 -31.30 0.76
C LYS A 87 2.02 -30.10 1.09
N SER A 88 0.75 -30.37 1.42
CA SER A 88 -0.15 -29.29 1.83
C SER A 88 0.15 -28.85 3.25
N VAL A 89 0.10 -27.54 3.48
CA VAL A 89 0.28 -27.03 4.83
C VAL A 89 -0.91 -27.37 5.72
N ASN A 90 -2.05 -27.75 5.12
CA ASN A 90 -3.22 -28.08 5.93
C ASN A 90 -2.96 -29.31 6.78
N THR A 91 -1.94 -30.10 6.46
CA THR A 91 -1.56 -31.22 7.32
C THR A 91 -1.01 -30.77 8.66
N LEU A 92 -0.75 -29.47 8.84
CA LEU A 92 -0.31 -28.93 10.12
C LEU A 92 -1.47 -28.35 10.93
N SER A 93 -2.71 -28.49 10.45
CA SER A 93 -3.82 -27.77 11.06
C SER A 93 -4.13 -28.26 12.47
N SER A 94 -3.68 -29.45 12.85
CA SER A 94 -3.94 -29.93 14.20
C SER A 94 -3.22 -29.10 15.26
N TYR A 95 -2.14 -28.41 14.90
CA TYR A 95 -1.40 -27.64 15.89
C TYR A 95 -1.08 -26.21 15.48
N MET A 96 -1.22 -25.86 14.21
CA MET A 96 -0.90 -24.51 13.75
C MET A 96 -2.16 -23.87 13.22
N PRO A 97 -2.62 -22.76 13.78
CA PRO A 97 -3.83 -22.11 13.27
C PRO A 97 -3.57 -21.40 11.94
N GLY A 98 -4.68 -21.13 11.25
CA GLY A 98 -4.64 -20.27 10.08
C GLY A 98 -4.27 -20.94 8.78
N THR A 99 -4.17 -22.26 8.73
CA THR A 99 -3.76 -22.89 7.48
C THR A 99 -4.84 -22.67 6.42
N SER A 100 -4.39 -22.44 5.19
CA SER A 100 -5.29 -22.09 4.10
C SER A 100 -4.62 -22.42 2.77
N GLN A 101 -4.25 -23.68 2.58
CA GLN A 101 -3.44 -24.04 1.42
C GLN A 101 -4.11 -23.64 0.11
N ARG A 102 -3.37 -22.90 -0.72
CA ARG A 102 -3.83 -22.50 -2.05
C ARG A 102 -2.97 -23.17 -3.13
N ASP A 103 -3.47 -23.13 -4.37
CA ASP A 103 -2.76 -23.78 -5.46
C ASP A 103 -1.52 -23.01 -5.89
N ILE A 104 -1.60 -21.68 -5.93
CA ILE A 104 -0.64 -20.86 -6.66
C ILE A 104 -0.26 -19.64 -5.82
N LEU A 105 1.05 -19.34 -5.78
CA LEU A 105 1.55 -18.08 -5.25
C LEU A 105 2.31 -17.34 -6.34
N ILE A 106 2.00 -16.05 -6.51
CA ILE A 106 2.84 -15.14 -7.28
C ILE A 106 3.36 -14.09 -6.31
N HIS A 107 4.69 -14.04 -6.19
CA HIS A 107 5.38 -13.13 -5.26
C HIS A 107 6.24 -12.21 -6.11
N ILE A 108 6.01 -10.90 -6.00
CA ILE A 108 6.74 -9.91 -6.78
C ILE A 108 7.40 -8.93 -5.80
N ILE A 109 8.68 -8.62 -6.03
CA ILE A 109 9.41 -7.71 -5.15
C ILE A 109 9.98 -6.56 -5.98
N SER A 110 10.12 -5.41 -5.34
CA SER A 110 10.64 -4.25 -6.04
C SER A 110 11.11 -3.23 -5.02
N ASP A 111 11.95 -2.31 -5.49
CA ASP A 111 12.26 -1.13 -4.68
C ASP A 111 11.37 0.05 -5.03
N ARG A 112 10.41 -0.13 -5.94
CA ARG A 112 9.42 0.90 -6.27
C ARG A 112 8.04 0.25 -6.30
N MET A 113 7.05 0.89 -5.66
CA MET A 113 5.70 0.33 -5.77
C MET A 113 5.17 0.39 -7.20
N ASP A 114 5.53 1.42 -7.99
CA ASP A 114 4.88 1.52 -9.29
C ASP A 114 5.24 0.32 -10.17
N THR A 115 6.49 -0.15 -10.13
CA THR A 115 6.82 -1.31 -10.96
C THR A 115 6.39 -2.62 -10.31
N CYS A 116 6.41 -2.71 -8.96
CA CYS A 116 5.78 -3.84 -8.27
C CYS A 116 4.35 -4.02 -8.74
N PHE A 117 3.57 -2.93 -8.66
CA PHE A 117 2.16 -2.99 -8.99
C PHE A 117 1.94 -3.24 -10.48
N LYS A 118 2.76 -2.62 -11.34
CA LYS A 118 2.59 -2.85 -12.77
C LYS A 118 2.75 -4.32 -13.12
N LEU A 119 3.80 -4.95 -12.59
CA LEU A 119 3.96 -6.37 -12.91
C LEU A 119 2.83 -7.21 -12.32
N ALA A 120 2.41 -6.91 -11.09
CA ALA A 120 1.33 -7.67 -10.47
C ALA A 120 0.03 -7.51 -11.24
N GLN A 121 -0.30 -6.27 -11.61
CA GLN A 121 -1.56 -6.04 -12.30
C GLN A 121 -1.54 -6.64 -13.70
N ASP A 122 -0.45 -6.45 -14.45
CA ASP A 122 -0.37 -6.99 -15.79
C ASP A 122 -0.50 -8.51 -15.76
N THR A 123 0.13 -9.14 -14.75
CA THR A 123 0.09 -10.58 -14.63
C THR A 123 -1.33 -11.06 -14.31
N MET A 124 -2.00 -10.39 -13.36
CA MET A 124 -3.37 -10.75 -13.04
C MET A 124 -4.30 -10.56 -14.23
N ARG A 125 -4.07 -9.52 -15.05
CA ARG A 125 -4.91 -9.35 -16.23
C ARG A 125 -4.61 -10.40 -17.29
N ASN A 126 -3.34 -10.84 -17.40
CA ASN A 126 -3.01 -11.90 -18.36
C ASN A 126 -3.69 -13.20 -17.99
N PHE A 127 -3.46 -13.71 -16.78
CA PHE A 127 -4.12 -14.94 -16.34
C PHE A 127 -5.63 -14.76 -16.34
N GLY A 128 -6.11 -13.70 -15.70
CA GLY A 128 -7.51 -13.38 -15.69
C GLY A 128 -8.30 -14.18 -14.68
N GLU A 129 -9.51 -13.69 -14.38
CA GLU A 129 -10.44 -14.39 -13.52
C GLU A 129 -10.81 -15.77 -14.06
N ASP A 130 -10.71 -15.97 -15.38
CA ASP A 130 -11.04 -17.27 -15.94
C ASP A 130 -10.04 -18.34 -15.53
N GLN A 131 -8.82 -17.97 -15.19
CA GLN A 131 -7.79 -18.95 -14.84
C GLN A 131 -7.46 -19.00 -13.35
N LEU A 132 -7.55 -17.88 -12.64
CA LEU A 132 -7.12 -17.82 -11.26
C LEU A 132 -8.23 -17.28 -10.38
N ASP A 133 -8.46 -17.94 -9.25
CA ASP A 133 -9.38 -17.49 -8.21
C ASP A 133 -8.50 -16.98 -7.06
N ILE A 134 -8.25 -15.68 -7.02
CA ILE A 134 -7.33 -15.11 -6.04
C ILE A 134 -8.02 -15.01 -4.69
N LYS A 135 -7.39 -15.57 -3.66
CA LYS A 135 -7.94 -15.59 -2.33
C LYS A 135 -7.32 -14.53 -1.42
N GLN A 136 -6.12 -14.08 -1.73
CA GLN A 136 -5.43 -13.09 -0.90
C GLN A 136 -4.52 -12.26 -1.79
N GLU A 137 -4.59 -10.93 -1.62
CA GLU A 137 -3.67 -10.00 -2.27
C GLU A 137 -3.12 -9.08 -1.19
N ILE A 138 -1.83 -9.17 -0.91
CA ILE A 138 -1.22 -8.37 0.15
C ILE A 138 -0.18 -7.44 -0.45
N HIS A 139 -0.24 -6.16 -0.05
CA HIS A 139 0.75 -5.16 -0.46
C HIS A 139 1.71 -4.96 0.70
N GLY A 140 2.86 -5.62 0.66
CA GLY A 140 3.86 -5.47 1.70
C GLY A 140 4.78 -4.28 1.44
N PHE A 141 5.25 -3.66 2.51
CA PHE A 141 6.18 -2.55 2.37
C PHE A 141 7.17 -2.57 3.52
N ARG A 142 8.42 -2.27 3.19
CA ARG A 142 9.45 -2.13 4.21
C ARG A 142 9.22 -0.84 5.01
N ARG A 143 9.46 -0.92 6.31
CA ARG A 143 9.39 0.24 7.18
C ARG A 143 10.79 0.77 7.46
N VAL A 144 10.83 1.96 8.06
CA VAL A 144 12.12 2.55 8.42
C VAL A 144 12.93 1.59 9.28
N GLU A 145 14.22 1.48 8.96
CA GLU A 145 15.18 0.60 9.64
C GLU A 145 14.82 -0.88 9.53
N GLU A 146 13.99 -1.23 8.55
CA GLU A 146 13.57 -2.61 8.30
C GLU A 146 12.93 -3.24 9.53
N ARG A 147 12.22 -2.43 10.30
CA ARG A 147 11.58 -2.92 11.52
C ARG A 147 10.20 -3.50 11.23
N ASP A 148 9.95 -4.67 11.82
CA ASP A 148 8.60 -5.22 11.91
C ASP A 148 7.76 -4.27 12.76
N LEU A 149 6.43 -4.41 12.68
CA LEU A 149 5.56 -3.53 13.48
C LEU A 149 5.70 -3.73 15.00
N THR A 150 6.34 -4.82 15.47
CA THR A 150 6.81 -4.86 16.86
C THR A 150 7.89 -3.83 17.15
N ASP A 151 8.46 -3.24 16.10
CA ASP A 151 9.53 -2.26 16.12
C ASP A 151 10.89 -2.88 16.45
N PHE A 152 10.98 -4.21 16.31
CA PHE A 152 12.26 -4.89 16.22
C PHE A 152 12.71 -5.01 14.77
N ILE A 153 14.02 -4.89 14.54
CA ILE A 153 14.55 -5.13 13.20
C ILE A 153 14.31 -6.58 12.81
N ASP A 154 13.77 -6.79 11.60
CA ASP A 154 13.50 -8.13 11.07
C ASP A 154 14.50 -8.40 9.96
N GLY A 155 15.39 -9.37 10.17
CA GLY A 155 16.33 -9.78 9.13
C GLY A 155 17.78 -9.92 9.54
N THR A 156 18.11 -9.57 10.79
CA THR A 156 19.49 -9.54 11.25
C THR A 156 20.24 -10.83 10.91
N GLU A 157 19.65 -11.99 11.18
CA GLU A 157 20.32 -13.26 10.96
C GLU A 157 19.87 -13.97 9.69
N ASN A 158 19.13 -13.30 8.83
CA ASN A 158 18.90 -13.81 7.47
C ASN A 158 20.24 -14.05 6.81
N PRO A 159 20.43 -15.18 6.13
CA PRO A 159 21.67 -15.40 5.39
C PRO A 159 21.93 -14.26 4.39
N ASP A 160 23.19 -13.85 4.30
CA ASP A 160 23.62 -12.73 3.47
C ASP A 160 24.36 -13.24 2.25
N GLY A 161 24.04 -12.70 1.07
CA GLY A 161 24.87 -12.89 -0.09
C GLY A 161 24.48 -14.13 -0.89
N ASP A 162 24.96 -14.16 -2.14
CA ASP A 162 24.49 -15.17 -3.09
C ASP A 162 24.91 -16.57 -2.68
N GLU A 163 26.11 -16.72 -2.11
CA GLU A 163 26.60 -18.05 -1.76
C GLU A 163 25.73 -18.70 -0.70
N LEU A 164 25.59 -18.04 0.45
CA LEU A 164 24.83 -18.62 1.55
C LEU A 164 23.35 -18.71 1.21
N ARG A 165 22.81 -17.75 0.47
CA ARG A 165 21.39 -17.83 0.16
C ARG A 165 21.10 -18.89 -0.90
N THR A 166 22.08 -19.19 -1.76
CA THR A 166 21.94 -20.36 -2.64
C THR A 166 21.98 -21.64 -1.81
N GLN A 167 22.90 -21.71 -0.85
CA GLN A 167 23.03 -22.92 -0.05
C GLN A 167 21.75 -23.22 0.71
N TYR A 168 21.18 -22.20 1.36
CA TYR A 168 20.05 -22.43 2.24
C TYR A 168 18.71 -22.19 1.57
N GLY A 169 18.68 -21.50 0.44
CA GLY A 169 17.43 -21.08 -0.19
C GLY A 169 17.03 -21.91 -1.37
N LEU A 170 17.98 -22.62 -1.99
CA LEU A 170 17.74 -23.29 -3.27
C LEU A 170 18.11 -24.77 -3.19
N VAL A 171 17.33 -25.61 -3.88
CA VAL A 171 17.68 -27.02 -4.00
C VAL A 171 19.06 -27.14 -4.64
N ALA A 172 19.88 -28.02 -4.08
CA ALA A 172 21.28 -28.09 -4.49
C ALA A 172 21.42 -28.57 -5.94
N ALA A 173 22.44 -28.05 -6.61
CA ALA A 173 22.76 -28.51 -7.95
C ALA A 173 22.99 -30.01 -7.95
N GLY A 174 22.50 -30.67 -9.01
CA GLY A 174 22.61 -32.11 -9.14
C GLY A 174 21.44 -32.90 -8.58
N GLN A 175 20.60 -32.28 -7.76
CA GLN A 175 19.43 -32.90 -7.18
C GLN A 175 18.21 -32.71 -8.08
N PRO A 176 17.20 -33.57 -7.95
CA PRO A 176 15.95 -33.31 -8.66
C PRO A 176 15.42 -31.93 -8.31
N ASN A 177 14.94 -31.21 -9.33
CA ASN A 177 14.39 -29.86 -9.17
C ASN A 177 15.44 -28.86 -8.67
N GLU A 178 16.71 -29.10 -9.01
CA GLU A 178 17.79 -28.16 -8.66
C GLU A 178 17.42 -26.72 -8.97
N PHE A 179 17.80 -25.82 -8.07
CA PHE A 179 17.65 -24.37 -8.18
C PHE A 179 16.20 -23.91 -8.06
N GLY A 180 15.29 -24.82 -7.67
CA GLY A 180 14.00 -24.41 -7.18
C GLY A 180 14.05 -24.17 -5.68
N SER A 181 12.92 -23.77 -5.10
CA SER A 181 12.86 -23.43 -3.69
CA SER A 181 12.85 -23.41 -3.69
C SER A 181 11.52 -23.85 -3.10
N TYR A 182 11.57 -24.44 -1.89
CA TYR A 182 10.36 -24.61 -1.10
C TYR A 182 9.97 -23.28 -0.48
N VAL A 183 8.68 -22.98 -0.48
CA VAL A 183 8.15 -21.67 -0.08
C VAL A 183 7.08 -21.87 0.98
N PHE A 184 7.08 -21.01 1.99
CA PHE A 184 6.04 -21.00 3.00
C PHE A 184 5.57 -19.57 3.18
N THR A 185 4.27 -19.34 3.06
CA THR A 185 3.68 -18.02 3.31
C THR A 185 2.74 -18.12 4.50
N GLN A 186 2.67 -17.05 5.28
CA GLN A 186 1.82 -17.05 6.46
C GLN A 186 1.56 -15.61 6.84
N ARG A 187 0.31 -15.17 6.76
CA ARG A 187 -0.01 -13.79 7.13
C ARG A 187 -0.31 -13.72 8.62
N TYR A 188 0.40 -12.84 9.33
CA TYR A 188 0.18 -12.61 10.74
C TYR A 188 -0.60 -11.32 10.96
N VAL A 189 -1.49 -11.35 11.95
CA VAL A 189 -2.19 -10.17 12.42
C VAL A 189 -1.66 -9.84 13.81
N HIS A 190 -1.00 -8.69 13.93
CA HIS A 190 -0.42 -8.27 15.21
C HIS A 190 -1.47 -7.67 16.13
N ASN A 191 -1.29 -7.91 17.42
CA ASN A 191 -2.08 -7.26 18.47
C ASN A 191 -1.16 -6.27 19.19
N LEU A 192 -0.98 -5.09 18.58
CA LEU A 192 -0.03 -4.14 19.14
C LEU A 192 -0.51 -3.54 20.45
N LYS A 193 -1.82 -3.54 20.72
CA LYS A 193 -2.28 -3.03 22.01
C LYS A 193 -1.76 -3.88 23.16
N LYS A 194 -1.52 -5.17 22.90
CA LYS A 194 -0.97 -6.05 23.93
C LYS A 194 0.54 -5.94 24.02
N TRP A 195 1.19 -5.55 22.93
CA TRP A 195 2.65 -5.50 22.82
C TRP A 195 3.23 -4.20 23.34
N TYR A 196 2.70 -3.07 22.88
CA TYR A 196 3.21 -1.75 23.27
C TYR A 196 3.37 -1.54 24.78
N PRO A 197 2.46 -1.98 25.66
CA PRO A 197 2.65 -1.73 27.10
C PRO A 197 3.70 -2.62 27.76
N GLU A 198 4.17 -3.67 27.09
CA GLU A 198 5.19 -4.51 27.71
C GLU A 198 6.48 -3.73 27.87
N PRO A 199 7.14 -3.85 29.02
CA PRO A 199 8.43 -3.17 29.17
C PRO A 199 9.45 -3.73 28.20
N LEU A 200 10.48 -2.93 27.94
CA LEU A 200 11.53 -3.33 27.01
C LEU A 200 12.14 -4.67 27.40
N SER A 201 12.31 -4.92 28.71
CA SER A 201 12.87 -6.20 29.13
C SER A 201 12.01 -7.38 28.68
N VAL A 202 10.69 -7.22 28.74
CA VAL A 202 9.79 -8.29 28.32
C VAL A 202 9.80 -8.44 26.79
N GLN A 203 9.80 -7.31 26.07
CA GLN A 203 9.87 -7.39 24.60
C GLN A 203 11.16 -8.06 24.14
N GLN A 204 12.28 -7.70 24.76
CA GLN A 204 13.57 -8.28 24.37
C GLN A 204 13.65 -9.76 24.77
N ASP A 205 13.10 -10.14 25.92
CA ASP A 205 13.04 -11.55 26.28
C ASP A 205 12.17 -12.34 25.29
N THR A 206 11.11 -11.71 24.78
CA THR A 206 10.19 -12.36 23.86
C THR A 206 10.88 -12.66 22.53
N VAL A 207 11.60 -11.68 22.00
CA VAL A 207 12.24 -11.84 20.70
C VAL A 207 13.55 -12.61 20.83
N GLY A 208 14.36 -12.26 21.83
CA GLY A 208 15.68 -12.85 22.00
C GLY A 208 16.82 -11.97 21.52
N ARG A 209 16.54 -10.73 21.15
CA ARG A 209 17.56 -9.77 20.74
C ARG A 209 17.21 -8.42 21.34
N THR A 210 18.18 -7.50 21.37
CA THR A 210 17.87 -6.17 21.86
C THR A 210 17.08 -5.39 20.81
N LYS A 211 16.26 -4.46 21.29
CA LYS A 211 15.33 -3.78 20.39
C LYS A 211 16.03 -2.76 19.52
N LYS A 212 16.86 -1.89 20.11
CA LYS A 212 17.40 -0.78 19.33
C LYS A 212 18.39 -1.27 18.28
N ASP A 213 19.29 -2.18 18.64
CA ASP A 213 20.37 -2.57 17.75
C ASP A 213 20.37 -4.03 17.33
N SER A 214 19.39 -4.82 17.78
CA SER A 214 19.28 -6.24 17.38
C SER A 214 20.51 -7.03 17.78
N ILE A 215 21.01 -6.79 18.98
CA ILE A 215 22.11 -7.56 19.52
C ILE A 215 21.56 -8.85 20.13
N GLU A 216 22.15 -9.98 19.78
CA GLU A 216 21.64 -11.25 20.29
C GLU A 216 21.83 -11.31 21.81
N ILE A 217 20.76 -11.67 22.51
CA ILE A 217 20.86 -11.99 23.93
C ILE A 217 21.43 -13.41 24.06
N PRO A 218 22.48 -13.61 24.86
CA PRO A 218 23.08 -14.95 24.96
C PRO A 218 22.04 -16.01 25.27
N ARG A 219 22.25 -17.19 24.71
CA ARG A 219 21.23 -18.24 24.75
C ARG A 219 20.87 -18.63 26.18
N ASP A 220 21.86 -18.64 27.09
CA ASP A 220 21.55 -19.03 28.46
C ASP A 220 20.92 -17.91 29.28
N LYS A 221 20.68 -16.74 28.70
CA LYS A 221 20.05 -15.63 29.41
C LYS A 221 18.72 -15.21 28.81
N ARG A 222 18.18 -15.99 27.89
CA ARG A 222 16.85 -15.75 27.34
C ARG A 222 16.03 -17.01 27.47
N PRO A 223 14.70 -16.88 27.51
CA PRO A 223 13.85 -18.08 27.63
C PRO A 223 14.02 -18.98 26.41
N ILE A 224 13.89 -20.29 26.63
CA ILE A 224 13.92 -21.21 25.49
C ILE A 224 12.75 -20.97 24.56
N THR A 225 11.73 -20.27 25.02
CA THR A 225 10.60 -19.91 24.19
C THR A 225 10.74 -18.53 23.55
N SER A 226 11.88 -17.87 23.71
CA SER A 226 12.14 -16.67 22.94
C SER A 226 12.13 -17.02 21.45
N HIS A 227 11.78 -16.04 20.62
CA HIS A 227 11.65 -16.33 19.21
C HIS A 227 12.96 -16.86 18.61
N VAL A 228 14.09 -16.25 18.95
CA VAL A 228 15.37 -16.74 18.42
C VAL A 228 15.64 -18.16 18.91
N SER A 229 15.35 -18.46 20.18
CA SER A 229 15.57 -19.84 20.65
C SER A 229 14.62 -20.83 19.97
N ARG A 230 13.43 -20.37 19.57
CA ARG A 230 12.51 -21.26 18.86
C ARG A 230 12.93 -21.54 17.41
N THR A 231 13.61 -20.59 16.76
CA THR A 231 13.86 -20.69 15.32
C THR A 231 15.32 -20.94 14.93
N ASP A 232 16.27 -20.70 15.84
CA ASP A 232 17.69 -20.98 15.56
C ASP A 232 17.95 -22.43 15.90
N LEU A 233 17.65 -23.32 14.94
CA LEU A 233 17.64 -24.75 15.18
C LEU A 233 18.71 -25.45 14.34
N SER A 234 19.10 -26.63 14.81
CA SER A 234 20.06 -27.45 14.08
C SER A 234 19.70 -28.91 14.23
N GLU A 235 20.16 -29.70 13.27
CA GLU A 235 20.07 -31.16 13.30
C GLU A 235 21.41 -31.73 12.86
N ASN A 236 21.93 -32.71 13.60
CA ASN A 236 23.18 -33.36 13.25
C ASN A 236 24.33 -32.36 13.13
N GLY A 237 24.26 -31.25 13.86
CA GLY A 237 25.28 -30.23 13.78
C GLY A 237 25.18 -29.30 12.59
N LYS A 238 24.13 -29.41 11.77
CA LYS A 238 23.91 -28.50 10.66
C LYS A 238 22.74 -27.58 10.97
N ASP A 239 22.92 -26.29 10.73
CA ASP A 239 21.88 -25.30 11.00
C ASP A 239 20.74 -25.41 9.98
N LEU A 240 19.51 -25.31 10.47
CA LEU A 240 18.33 -25.36 9.60
C LEU A 240 17.93 -23.97 9.14
N LYS A 241 18.83 -23.34 8.38
CA LYS A 241 18.58 -21.95 8.03
C LYS A 241 17.61 -21.85 6.86
N ILE A 242 16.95 -20.69 6.78
CA ILE A 242 15.99 -20.39 5.73
C ILE A 242 16.24 -18.95 5.27
N VAL A 243 15.65 -18.62 4.13
CA VAL A 243 15.79 -17.29 3.54
C VAL A 243 14.44 -16.59 3.64
N ARG A 244 14.34 -15.55 4.47
CA ARG A 244 13.08 -14.87 4.69
C ARG A 244 12.98 -13.61 3.82
N GLN A 245 11.77 -13.39 3.28
CA GLN A 245 11.47 -12.18 2.50
C GLN A 245 10.24 -11.47 3.05
N SER A 246 9.92 -11.66 4.32
CA SER A 246 8.73 -11.10 4.94
C SER A 246 8.72 -9.58 4.92
N LEU A 247 7.51 -9.01 4.85
CA LEU A 247 7.34 -7.56 4.90
C LEU A 247 6.14 -7.21 5.76
N PRO A 248 6.20 -6.07 6.46
CA PRO A 248 5.00 -5.52 7.07
C PRO A 248 3.90 -5.24 6.06
N TYR A 249 2.65 -5.21 6.54
CA TYR A 249 1.52 -4.80 5.72
C TYR A 249 0.46 -4.20 6.63
N GLY A 250 -0.48 -3.48 6.04
CA GLY A 250 -1.74 -3.22 6.71
C GLY A 250 -2.00 -1.76 7.02
N GLN A 251 -3.07 -1.54 7.78
CA GLN A 251 -3.58 -0.23 8.12
C GLN A 251 -3.16 0.15 9.53
N ILE A 252 -2.65 1.38 9.70
CA ILE A 252 -2.33 1.87 11.03
C ILE A 252 -3.53 1.76 11.95
N THR A 253 -4.71 2.15 11.47
CA THR A 253 -5.91 2.22 12.27
C THR A 253 -6.79 0.99 12.10
N GLY A 254 -6.27 -0.07 11.50
CA GLY A 254 -7.02 -1.28 11.25
C GLY A 254 -6.18 -2.52 11.42
N GLU A 255 -6.38 -3.50 10.55
CA GLU A 255 -5.65 -4.76 10.64
C GLU A 255 -4.27 -4.60 10.03
N LYS A 256 -3.25 -5.06 10.77
CA LYS A 256 -1.88 -4.94 10.31
C LYS A 256 -1.05 -6.06 10.90
N GLY A 257 0.12 -6.27 10.30
CA GLY A 257 0.98 -7.32 10.83
C GLY A 257 2.18 -7.57 9.94
N LEU A 258 2.56 -8.84 9.83
CA LEU A 258 3.71 -9.26 9.05
C LEU A 258 3.23 -10.26 8.02
N MET A 259 3.56 -10.02 6.75
CA MET A 259 3.34 -11.03 5.72
C MET A 259 4.61 -11.87 5.68
N PHE A 260 4.58 -13.03 6.35
CA PHE A 260 5.74 -13.88 6.44
C PHE A 260 5.92 -14.69 5.17
N ILE A 261 7.14 -14.76 4.67
CA ILE A 261 7.44 -15.69 3.60
C ILE A 261 8.86 -16.18 3.76
N ALA A 262 9.07 -17.48 3.57
CA ALA A 262 10.39 -18.06 3.61
C ALA A 262 10.60 -18.96 2.39
N TYR A 263 11.84 -18.94 1.90
CA TYR A 263 12.33 -19.81 0.85
C TYR A 263 13.40 -20.72 1.43
N ALA A 264 13.40 -22.00 1.05
CA ALA A 264 14.39 -22.90 1.64
C ALA A 264 14.75 -24.02 0.68
N CYS A 265 15.97 -24.53 0.82
CA CYS A 265 16.40 -25.67 0.02
C CYS A 265 15.66 -26.95 0.38
N SER A 266 15.06 -26.97 1.58
CA SER A 266 14.37 -28.14 2.11
C SER A 266 13.18 -27.67 2.91
N LEU A 267 12.00 -28.25 2.63
CA LEU A 267 10.81 -27.89 3.39
CA LEU A 267 10.81 -27.89 3.40
C LEU A 267 10.99 -28.20 4.87
N HIS A 268 11.75 -29.24 5.19
CA HIS A 268 11.98 -29.62 6.58
C HIS A 268 12.56 -28.47 7.39
N ASN A 269 13.43 -27.65 6.79
CA ASN A 269 14.03 -26.53 7.52
C ASN A 269 12.95 -25.59 8.04
N ILE A 270 11.91 -25.36 7.24
CA ILE A 270 10.81 -24.51 7.65
C ILE A 270 9.91 -25.25 8.63
N GLU A 271 9.55 -26.49 8.29
CA GLU A 271 8.57 -27.21 9.08
C GLU A 271 9.07 -27.46 10.50
N LYS A 272 10.37 -27.74 10.67
CA LYS A 272 10.86 -27.95 12.03
C LYS A 272 10.75 -26.68 12.87
N GLN A 273 10.94 -25.51 12.25
CA GLN A 273 10.75 -24.27 13.00
C GLN A 273 9.29 -24.07 13.36
N LEU A 274 8.37 -24.46 12.46
CA LEU A 274 6.95 -24.36 12.79
C LEU A 274 6.58 -25.30 13.93
N GLN A 275 7.12 -26.52 13.93
CA GLN A 275 6.87 -27.43 15.05
C GLN A 275 7.37 -26.80 16.34
N SER A 276 8.55 -26.20 16.30
CA SER A 276 9.12 -25.53 17.46
C SER A 276 8.22 -24.41 17.96
N MET A 277 7.86 -23.48 17.06
CA MET A 277 7.14 -22.27 17.46
C MET A 277 5.76 -22.61 18.01
N PHE A 278 5.09 -23.61 17.42
CA PHE A 278 3.70 -23.89 17.75
C PHE A 278 3.55 -25.07 18.71
N GLY A 279 4.59 -25.34 19.50
CA GLY A 279 4.46 -26.19 20.66
C GLY A 279 4.56 -27.67 20.40
N GLN A 280 4.88 -28.07 19.16
CA GLN A 280 4.82 -29.48 18.80
C GLN A 280 6.09 -30.25 19.14
N LEU A 281 7.18 -29.57 19.54
CA LEU A 281 8.42 -30.27 19.91
C LEU A 281 8.60 -30.43 21.42
N ASP A 282 8.17 -29.46 22.21
CA ASP A 282 8.34 -29.56 23.65
C ASP A 282 7.10 -29.09 24.40
N GLY A 283 5.96 -28.91 23.73
CA GLY A 283 4.74 -28.49 24.38
C GLY A 283 4.67 -27.02 24.68
N LYS A 284 5.67 -26.23 24.29
CA LYS A 284 5.74 -24.81 24.62
C LYS A 284 5.70 -23.98 23.36
N HIS A 285 4.96 -22.88 23.40
CA HIS A 285 4.82 -22.00 22.25
C HIS A 285 5.82 -20.85 22.32
N ASP A 286 6.19 -20.37 21.13
CA ASP A 286 6.94 -19.14 20.97
C ASP A 286 6.28 -17.99 21.73
N LEU A 287 7.07 -17.26 22.52
CA LEU A 287 6.53 -16.10 23.23
C LEU A 287 5.93 -15.07 22.29
N LEU A 288 6.43 -14.97 21.06
CA LEU A 288 5.89 -13.98 20.12
C LEU A 288 4.42 -14.23 19.84
N LEU A 289 3.97 -15.47 19.94
CA LEU A 289 2.59 -15.80 19.60
C LEU A 289 1.60 -15.31 20.65
N LYS A 290 2.06 -14.76 21.78
CA LYS A 290 1.16 -14.02 22.66
C LYS A 290 0.67 -12.73 22.01
N TYR A 291 1.36 -12.24 20.98
CA TYR A 291 1.14 -10.89 20.47
C TYR A 291 0.75 -10.84 19.00
N THR A 292 0.71 -11.98 18.33
CA THR A 292 0.40 -12.02 16.92
C THR A 292 -0.18 -13.39 16.61
N THR A 293 -0.96 -13.46 15.54
CA THR A 293 -1.72 -14.66 15.23
C THR A 293 -1.64 -14.90 13.73
N PRO A 294 -1.27 -16.10 13.28
CA PRO A 294 -1.34 -16.40 11.86
C PRO A 294 -2.77 -16.66 11.42
N VAL A 295 -3.13 -16.09 10.27
CA VAL A 295 -4.49 -16.21 9.75
C VAL A 295 -4.55 -16.79 8.34
N THR A 296 -3.42 -16.95 7.66
CA THR A 296 -3.32 -17.71 6.41
C THR A 296 -2.08 -18.59 6.49
N GLY A 297 -1.99 -19.54 5.57
CA GLY A 297 -0.79 -20.35 5.48
C GLY A 297 -0.78 -21.22 4.24
N SER A 298 0.38 -21.36 3.59
CA SER A 298 0.49 -22.22 2.43
C SER A 298 1.94 -22.64 2.20
N PHE A 299 2.11 -23.87 1.72
CA PHE A 299 3.37 -24.37 1.21
C PHE A 299 3.34 -24.41 -0.31
N TYR A 300 4.45 -24.06 -0.94
CA TYR A 300 4.57 -24.14 -2.39
C TYR A 300 5.98 -24.56 -2.77
N PHE A 301 6.19 -24.79 -4.07
CA PHE A 301 7.53 -24.93 -4.62
C PHE A 301 7.67 -23.97 -5.79
N ALA A 302 8.72 -23.16 -5.75
CA ALA A 302 9.07 -22.28 -6.84
C ALA A 302 10.07 -23.00 -7.74
N PRO A 303 9.68 -23.45 -8.93
CA PRO A 303 10.65 -24.15 -9.78
C PRO A 303 11.78 -23.24 -10.20
N SER A 304 12.89 -23.85 -10.62
CA SER A 304 13.91 -23.12 -11.33
C SER A 304 13.30 -22.44 -12.56
N LYS A 305 14.01 -21.44 -13.08
CA LYS A 305 13.51 -20.78 -14.29
C LYS A 305 13.32 -21.77 -15.43
N LYS A 306 14.26 -22.73 -15.57
CA LYS A 306 14.15 -23.73 -16.63
C LYS A 306 12.92 -24.62 -16.42
N GLU A 307 12.74 -25.13 -15.21
CA GLU A 307 11.60 -26.02 -14.99
C GLU A 307 10.28 -25.27 -15.04
N LEU A 308 10.28 -23.98 -14.67
CA LEU A 308 9.07 -23.19 -14.77
C LEU A 308 8.56 -23.12 -16.20
N LEU A 309 9.48 -22.92 -17.16
CA LEU A 309 9.12 -22.81 -18.56
C LEU A 309 8.96 -24.16 -19.24
N GLU A 310 9.34 -25.25 -18.59
CA GLU A 310 9.25 -26.58 -19.18
C GLU A 310 8.12 -27.40 -18.57
N LEU A 311 7.26 -26.80 -17.77
CA LEU A 311 6.14 -27.51 -17.14
C LEU A 311 5.29 -28.26 -18.17
N SER B 5 3.63 33.43 6.30
CA SER B 5 4.67 33.42 5.28
C SER B 5 4.66 32.12 4.47
N MET B 6 4.24 31.02 5.08
CA MET B 6 4.47 29.70 4.51
C MET B 6 3.22 28.83 4.62
N ALA B 7 2.95 28.08 3.56
CA ALA B 7 1.84 27.15 3.56
C ALA B 7 2.25 25.83 4.19
N GLN B 8 1.26 25.02 4.52
CA GLN B 8 1.59 23.63 4.79
C GLN B 8 2.09 22.97 3.50
N SER B 9 2.71 21.80 3.62
CA SER B 9 3.67 21.35 2.61
C SER B 9 3.12 20.28 1.66
N THR B 10 1.80 20.24 1.44
CA THR B 10 1.22 19.32 0.47
C THR B 10 0.70 20.01 -0.78
N VAL B 11 0.71 21.34 -0.86
CA VAL B 11 0.09 22.00 -2.01
C VAL B 11 1.09 22.23 -3.13
N LEU B 12 2.21 22.88 -2.84
CA LEU B 12 3.13 23.27 -3.90
C LEU B 12 3.93 22.13 -4.53
N PRO B 13 4.41 21.13 -3.79
CA PRO B 13 5.24 20.09 -4.42
C PRO B 13 4.46 19.20 -5.38
N MET B 14 5.16 18.71 -6.39
CA MET B 14 4.52 17.90 -7.42
C MET B 14 5.10 16.48 -7.44
N HIS B 15 4.30 15.58 -8.01
CA HIS B 15 4.76 14.25 -8.42
C HIS B 15 5.14 13.33 -7.27
N CYS B 16 4.52 13.50 -6.09
CA CYS B 16 4.71 12.54 -5.01
C CYS B 16 4.42 11.11 -5.49
N LEU B 17 5.16 10.16 -4.93
CA LEU B 17 4.96 8.77 -5.30
C LEU B 17 4.02 8.03 -4.35
N TYR B 18 3.81 8.57 -3.13
CA TYR B 18 2.95 7.96 -2.12
C TYR B 18 2.16 9.04 -1.42
N GLY B 19 0.97 8.67 -0.96
CA GLY B 19 0.20 9.58 -0.15
C GLY B 19 -0.63 8.80 0.83
N ILE B 20 -0.71 9.23 2.07
CA ILE B 20 -1.59 8.60 3.04
C ILE B 20 -2.64 9.63 3.43
N PHE B 21 -3.90 9.20 3.43
CA PHE B 21 -5.05 10.06 3.69
C PHE B 21 -5.76 9.50 4.92
N LEU B 22 -5.83 10.30 5.98
CA LEU B 22 -6.49 9.92 7.23
C LEU B 22 -7.59 10.95 7.46
N GLU B 23 -8.84 10.49 7.49
CA GLU B 23 -9.97 11.40 7.68
C GLU B 23 -10.81 10.90 8.84
N GLY B 24 -11.26 11.80 9.68
CA GLY B 24 -12.07 11.35 10.79
C GLY B 24 -12.55 12.49 11.66
N ASN B 25 -13.09 12.13 12.81
CA ASN B 25 -13.80 13.09 13.64
C ASN B 25 -13.07 13.32 14.95
N LEU B 26 -13.21 14.54 15.45
CA LEU B 26 -12.59 14.95 16.70
C LEU B 26 -13.47 14.52 17.87
N LYS B 27 -12.91 13.75 18.80
CA LYS B 27 -13.67 13.31 19.95
C LYS B 27 -13.61 14.27 21.14
N ILE B 28 -12.71 15.25 21.09
N ILE B 28 -12.72 15.25 21.10
CA ILE B 28 -12.62 16.24 22.15
CA ILE B 28 -12.60 16.23 22.16
C ILE B 28 -13.78 17.21 22.03
C ILE B 28 -13.75 17.23 22.05
N GLN B 29 -14.43 17.49 23.16
CA GLN B 29 -15.58 18.37 23.15
C GLN B 29 -15.16 19.83 23.38
N LYS B 30 -16.08 20.73 23.03
CA LYS B 30 -15.75 22.15 22.94
C LYS B 30 -15.28 22.73 24.28
N ASN B 31 -15.77 22.19 25.40
CA ASN B 31 -15.47 22.74 26.71
C ASN B 31 -14.20 22.17 27.34
N ASP B 32 -13.57 21.18 26.72
CA ASP B 32 -12.46 20.44 27.31
C ASP B 32 -11.16 21.17 27.01
N GLN B 33 -10.80 22.13 27.88
CA GLN B 33 -9.62 22.94 27.60
C GLN B 33 -8.34 22.11 27.70
N GLU B 34 -8.28 21.16 28.64
CA GLU B 34 -7.10 20.32 28.74
C GLU B 34 -6.98 19.39 27.53
N GLY B 35 -8.11 18.82 27.07
CA GLY B 35 -8.05 17.97 25.89
C GLY B 35 -7.65 18.75 24.65
N LEU B 36 -8.17 19.97 24.51
CA LEU B 36 -7.79 20.77 23.35
C LEU B 36 -6.34 21.19 23.42
N LYS B 37 -5.81 21.45 24.62
CA LYS B 37 -4.39 21.75 24.75
C LYS B 37 -3.55 20.55 24.31
N LYS B 38 -3.95 19.34 24.68
CA LYS B 38 -3.22 18.15 24.25
C LYS B 38 -3.33 17.98 22.74
N PHE B 39 -4.52 18.20 22.19
CA PHE B 39 -4.72 18.14 20.74
C PHE B 39 -3.77 19.07 20.01
N LYS B 40 -3.63 20.31 20.50
CA LYS B 40 -2.76 21.25 19.81
C LYS B 40 -1.29 20.90 20.01
N ASP B 41 -0.93 20.27 21.13
CA ASP B 41 0.44 19.79 21.25
C ASP B 41 0.72 18.67 20.24
N ASN B 42 -0.27 17.83 19.96
CA ASN B 42 -0.08 16.79 18.95
C ASN B 42 0.03 17.40 17.55
N ILE B 43 -0.65 18.52 17.29
CA ILE B 43 -0.45 19.23 16.04
C ILE B 43 0.99 19.73 15.93
N LYS B 44 1.50 20.32 17.01
CA LYS B 44 2.89 20.79 17.00
C LYS B 44 3.86 19.63 16.76
N LYS B 45 3.61 18.48 17.38
CA LYS B 45 4.47 17.32 17.15
C LYS B 45 4.49 16.91 15.69
N PHE B 46 3.34 16.99 15.01
CA PHE B 46 3.28 16.68 13.60
C PHE B 46 4.16 17.61 12.79
N THR B 47 4.07 18.92 13.03
CA THR B 47 4.88 19.86 12.28
C THR B 47 6.37 19.65 12.58
N LEU B 48 6.70 19.30 13.82
CA LEU B 48 8.10 19.07 14.17
C LEU B 48 8.62 17.79 13.52
N GLU B 49 7.79 16.75 13.46
CA GLU B 49 8.26 15.51 12.86
C GLU B 49 8.39 15.62 11.35
N LEU B 50 7.53 16.42 10.71
CA LEU B 50 7.72 16.72 9.29
C LEU B 50 9.12 17.29 9.05
N ASP B 51 9.52 18.26 9.87
CA ASP B 51 10.83 18.88 9.69
C ASP B 51 11.94 17.87 9.95
N GLU B 52 11.78 17.02 10.97
CA GLU B 52 12.81 16.02 11.27
C GLU B 52 12.96 15.03 10.13
N ILE B 53 11.85 14.57 9.57
CA ILE B 53 11.94 13.61 8.47
C ILE B 53 12.57 14.28 7.25
N ASP B 54 12.23 15.55 7.00
CA ASP B 54 12.83 16.24 5.88
C ASP B 54 14.35 16.33 6.02
N LYS B 55 14.84 16.53 7.26
CA LYS B 55 16.28 16.60 7.49
C LYS B 55 16.95 15.25 7.30
N ILE B 56 16.32 14.18 7.81
CA ILE B 56 16.94 12.86 7.80
C ILE B 56 16.82 12.21 6.45
N SER B 57 15.71 12.46 5.76
CA SER B 57 15.40 11.79 4.49
C SER B 57 15.01 12.82 3.45
N PRO B 58 15.94 13.66 3.00
CA PRO B 58 15.60 14.64 1.95
C PRO B 58 15.08 13.99 0.69
N GLN B 59 15.51 12.75 0.41
CA GLN B 59 15.05 12.06 -0.79
C GLN B 59 13.55 11.75 -0.73
N SER B 60 12.96 11.74 0.46
CA SER B 60 11.52 11.51 0.56
C SER B 60 10.70 12.66 0.01
N ARG B 61 11.24 13.89 -0.05
CA ARG B 61 10.42 15.04 -0.38
C ARG B 61 9.11 15.00 0.40
N ILE B 62 9.24 14.84 1.72
CA ILE B 62 8.09 14.65 2.59
C ILE B 62 7.23 15.92 2.61
N GLY B 63 5.92 15.72 2.78
CA GLY B 63 4.99 16.82 2.94
C GLY B 63 3.83 16.37 3.79
N GLY B 64 3.21 17.33 4.48
CA GLY B 64 2.06 16.99 5.31
C GLY B 64 1.18 18.18 5.58
N ALA B 65 -0.11 17.92 5.77
CA ALA B 65 -1.05 18.97 6.12
C ALA B 65 -2.13 18.42 7.04
N ILE B 66 -2.51 19.23 8.02
CA ILE B 66 -3.69 18.98 8.85
C ILE B 66 -4.75 20.02 8.47
N CYS B 67 -5.97 19.55 8.23
CA CYS B 67 -7.03 20.37 7.66
C CYS B 67 -8.31 20.19 8.47
N PHE B 68 -9.13 21.24 8.53
CA PHE B 68 -10.27 21.29 9.44
C PHE B 68 -11.55 21.64 8.70
N SER B 69 -12.65 21.01 9.11
CA SER B 69 -13.96 21.29 8.54
C SER B 69 -14.60 22.55 9.14
N SER B 70 -15.63 23.05 8.45
CA SER B 70 -16.33 24.21 9.00
C SER B 70 -17.08 23.85 10.29
N ASP B 71 -17.56 22.62 10.41
CA ASP B 71 -18.31 22.25 11.61
C ASP B 71 -17.43 22.16 12.84
N ILE B 72 -16.14 21.85 12.67
CA ILE B 72 -15.23 21.70 13.81
C ILE B 72 -14.43 22.97 14.07
N TRP B 73 -14.47 23.95 13.17
CA TRP B 73 -13.59 25.12 13.28
C TRP B 73 -13.69 25.80 14.65
N ASP B 74 -14.91 26.10 15.11
CA ASP B 74 -15.09 26.81 16.37
C ASP B 74 -14.80 25.95 17.59
N THR B 75 -14.63 24.64 17.41
CA THR B 75 -14.14 23.80 18.49
C THR B 75 -12.62 23.92 18.63
N VAL B 76 -11.90 23.93 17.51
CA VAL B 76 -10.44 23.92 17.58
C VAL B 76 -9.87 25.32 17.77
N THR B 77 -10.60 26.38 17.44
CA THR B 77 -10.03 27.71 17.66
C THR B 77 -11.11 28.72 18.00
N LYS B 78 -10.75 29.65 18.90
CA LYS B 78 -11.53 30.85 19.15
C LYS B 78 -10.77 32.09 18.72
N LYS B 79 -9.61 31.92 18.09
CA LYS B 79 -8.73 33.04 17.70
C LYS B 79 -8.69 33.29 16.20
N ILE B 80 -8.63 32.23 15.39
CA ILE B 80 -8.47 32.36 13.94
C ILE B 80 -9.84 32.46 13.28
N SER B 81 -10.01 33.45 12.41
CA SER B 81 -11.27 33.63 11.70
C SER B 81 -11.57 32.41 10.83
N LYS B 82 -12.83 32.01 10.80
CA LYS B 82 -13.21 30.90 9.94
C LYS B 82 -13.12 31.32 8.48
N PRO B 83 -12.49 30.52 7.62
CA PRO B 83 -12.39 30.88 6.20
C PRO B 83 -13.78 31.11 5.60
N LYS B 84 -13.90 32.20 4.84
CA LYS B 84 -15.22 32.74 4.53
C LYS B 84 -16.06 31.81 3.67
N GLU B 85 -15.43 30.95 2.86
CA GLU B 85 -16.18 30.06 1.98
C GLU B 85 -16.43 28.68 2.58
N LEU B 86 -15.80 28.36 3.70
CA LEU B 86 -15.85 27.00 4.20
C LEU B 86 -17.26 26.60 4.63
N LYS B 87 -17.67 25.40 4.22
CA LYS B 87 -18.98 24.85 4.56
C LYS B 87 -18.87 23.33 4.48
N SER B 88 -19.92 22.64 4.93
CA SER B 88 -19.90 21.19 4.88
C SER B 88 -20.23 20.71 3.47
N VAL B 89 -19.50 19.70 3.01
CA VAL B 89 -19.80 19.13 1.70
C VAL B 89 -21.15 18.42 1.72
N ASN B 90 -21.68 18.09 2.90
CA ASN B 90 -22.99 17.43 2.95
C ASN B 90 -24.09 18.31 2.36
N THR B 91 -23.87 19.63 2.27
CA THR B 91 -24.85 20.48 1.62
C THR B 91 -24.99 20.19 0.13
N LEU B 92 -24.10 19.38 -0.43
CA LEU B 92 -24.18 18.96 -1.84
C LEU B 92 -24.88 17.62 -2.01
N SER B 93 -25.36 17.01 -0.92
CA SER B 93 -25.88 15.65 -0.98
C SER B 93 -27.11 15.50 -1.87
N SER B 94 -27.84 16.59 -2.12
CA SER B 94 -29.02 16.49 -2.97
C SER B 94 -28.67 16.15 -4.41
N TYR B 95 -27.43 16.35 -4.84
CA TYR B 95 -27.05 16.06 -6.20
C TYR B 95 -25.75 15.29 -6.36
N MET B 96 -24.88 15.26 -5.35
CA MET B 96 -23.63 14.54 -5.42
C MET B 96 -23.63 13.38 -4.44
N PRO B 97 -23.48 12.15 -4.90
CA PRO B 97 -23.48 11.01 -3.98
C PRO B 97 -22.19 10.90 -3.20
N GLY B 98 -22.28 10.14 -2.12
CA GLY B 98 -21.10 9.77 -1.37
C GLY B 98 -20.60 10.79 -0.38
N THR B 99 -21.35 11.86 -0.11
CA THR B 99 -20.84 12.86 0.82
C THR B 99 -20.74 12.27 2.22
N SER B 100 -19.66 12.64 2.92
CA SER B 100 -19.38 12.08 4.23
C SER B 100 -18.52 13.04 5.03
N GLN B 101 -18.99 14.27 5.25
CA GLN B 101 -18.15 15.30 5.86
C GLN B 101 -17.57 14.84 7.20
N ARG B 102 -16.25 14.90 7.32
CA ARG B 102 -15.52 14.61 8.55
C ARG B 102 -14.90 15.88 9.10
N ASP B 103 -14.47 15.82 10.37
CA ASP B 103 -13.92 17.02 11.02
C ASP B 103 -12.51 17.32 10.54
N ILE B 104 -11.68 16.29 10.34
CA ILE B 104 -10.23 16.44 10.25
C ILE B 104 -9.70 15.60 9.10
N LEU B 105 -8.78 16.18 8.32
CA LEU B 105 -7.99 15.44 7.34
C LEU B 105 -6.52 15.61 7.68
N ILE B 106 -5.80 14.49 7.69
CA ILE B 106 -4.34 14.52 7.70
C ILE B 106 -3.88 13.89 6.38
N HIS B 107 -3.18 14.67 5.57
CA HIS B 107 -2.69 14.24 4.26
C HIS B 107 -1.18 14.28 4.30
N ILE B 108 -0.53 13.13 4.03
CA ILE B 108 0.92 13.01 4.08
C ILE B 108 1.40 12.51 2.72
N ILE B 109 2.41 13.18 2.15
CA ILE B 109 2.97 12.77 0.86
C ILE B 109 4.46 12.47 0.99
N SER B 110 4.94 11.57 0.12
CA SER B 110 6.34 11.17 0.18
C SER B 110 6.72 10.52 -1.14
N ASP B 111 8.02 10.50 -1.41
CA ASP B 111 8.52 9.65 -2.48
C ASP B 111 8.95 8.28 -1.98
N ARG B 112 8.77 7.98 -0.69
CA ARG B 112 9.06 6.67 -0.12
C ARG B 112 7.90 6.27 0.79
N MET B 113 7.43 5.03 0.66
CA MET B 113 6.39 4.60 1.57
C MET B 113 6.91 4.51 3.02
N ASP B 114 8.18 4.17 3.23
CA ASP B 114 8.57 3.94 4.62
C ASP B 114 8.46 5.24 5.43
N THR B 115 8.84 6.39 4.85
N THR B 115 8.81 6.36 4.82
CA THR B 115 8.71 7.64 5.61
CA THR B 115 8.75 7.62 5.52
C THR B 115 7.28 8.19 5.60
C THR B 115 7.31 8.16 5.59
N CYS B 116 6.53 7.96 4.52
CA CYS B 116 5.10 8.29 4.53
C CYS B 116 4.41 7.56 5.68
N PHE B 117 4.62 6.26 5.77
CA PHE B 117 4.00 5.46 6.81
C PHE B 117 4.51 5.83 8.21
N LYS B 118 5.82 6.10 8.34
CA LYS B 118 6.34 6.47 9.66
C LYS B 118 5.64 7.71 10.18
N LEU B 119 5.55 8.77 9.36
CA LEU B 119 4.90 9.98 9.84
C LEU B 119 3.43 9.72 10.13
N ALA B 120 2.76 8.96 9.27
CA ALA B 120 1.35 8.66 9.50
C ALA B 120 1.17 7.88 10.80
N GLN B 121 2.00 6.86 11.02
CA GLN B 121 1.81 6.01 12.18
C GLN B 121 2.12 6.77 13.46
N ASP B 122 3.24 7.51 13.46
CA ASP B 122 3.59 8.27 14.66
C ASP B 122 2.51 9.29 14.99
N THR B 123 1.95 9.93 13.98
CA THR B 123 0.93 10.94 14.20
C THR B 123 -0.34 10.31 14.78
N MET B 124 -0.76 9.17 14.23
CA MET B 124 -1.92 8.49 14.78
C MET B 124 -1.69 8.01 16.21
N ARG B 125 -0.46 7.58 16.53
CA ARG B 125 -0.16 7.19 17.90
C ARG B 125 -0.15 8.39 18.85
N ASN B 126 0.30 9.57 18.37
CA ASN B 126 0.31 10.77 19.21
C ASN B 126 -1.11 11.23 19.54
N PHE B 127 -1.94 11.43 18.50
CA PHE B 127 -3.33 11.82 18.75
C PHE B 127 -4.07 10.71 19.49
N GLY B 128 -4.01 9.50 18.95
CA GLY B 128 -4.60 8.35 19.60
C GLY B 128 -6.09 8.26 19.36
N GLU B 129 -6.61 7.06 19.65
CA GLU B 129 -8.01 6.76 19.45
C GLU B 129 -8.95 7.57 20.34
N ASP B 130 -8.44 8.11 21.45
CA ASP B 130 -9.30 8.89 22.34
C ASP B 130 -9.49 10.32 21.86
N GLN B 131 -8.67 10.78 20.92
CA GLN B 131 -8.81 12.10 20.30
C GLN B 131 -9.43 12.05 18.92
N LEU B 132 -9.09 11.06 18.09
CA LEU B 132 -9.52 11.03 16.70
C LEU B 132 -10.28 9.73 16.43
N ASP B 133 -11.47 9.85 15.83
CA ASP B 133 -12.24 8.70 15.38
C ASP B 133 -12.00 8.61 13.87
N ILE B 134 -11.06 7.77 13.46
CA ILE B 134 -10.65 7.70 12.06
C ILE B 134 -11.70 6.91 11.29
N LYS B 135 -12.25 7.53 10.26
CA LYS B 135 -13.27 6.92 9.41
C LYS B 135 -12.70 6.33 8.13
N GLN B 136 -11.54 6.80 7.69
CA GLN B 136 -10.97 6.32 6.45
C GLN B 136 -9.46 6.48 6.53
N GLU B 137 -8.72 5.43 6.16
CA GLU B 137 -7.28 5.46 6.00
C GLU B 137 -6.97 4.88 4.63
N ILE B 138 -6.44 5.71 3.73
CA ILE B 138 -6.17 5.30 2.35
C ILE B 138 -4.67 5.40 2.08
N HIS B 139 -4.09 4.33 1.52
CA HIS B 139 -2.69 4.34 1.11
C HIS B 139 -2.67 4.54 -0.41
N GLY B 140 -2.37 5.75 -0.84
CA GLY B 140 -2.30 6.03 -2.27
C GLY B 140 -0.90 5.82 -2.79
N PHE B 141 -0.81 5.43 -4.07
CA PHE B 141 0.49 5.23 -4.69
C PHE B 141 0.42 5.63 -6.15
N ARG B 142 1.50 6.26 -6.63
CA ARG B 142 1.61 6.60 -8.04
C ARG B 142 1.90 5.35 -8.85
N ARG B 143 1.29 5.28 -10.04
CA ARG B 143 1.54 4.17 -10.95
C ARG B 143 2.49 4.62 -12.05
N VAL B 144 2.96 3.63 -12.82
CA VAL B 144 3.85 3.92 -13.94
C VAL B 144 3.19 4.95 -14.87
N GLU B 145 3.99 5.91 -15.30
CA GLU B 145 3.54 7.00 -16.20
C GLU B 145 2.45 7.86 -15.57
N GLU B 146 2.32 7.83 -14.24
CA GLU B 146 1.35 8.65 -13.52
C GLU B 146 -0.07 8.41 -14.01
N ARG B 147 -0.37 7.19 -14.44
CA ARG B 147 -1.69 6.87 -14.93
C ARG B 147 -2.65 6.52 -13.81
N ASP B 148 -3.86 7.07 -13.88
CA ASP B 148 -5.00 6.57 -13.12
C ASP B 148 -5.31 5.15 -13.53
N LEU B 149 -6.08 4.43 -12.70
CA LEU B 149 -6.41 3.05 -13.06
C LEU B 149 -7.32 2.93 -14.29
N THR B 150 -7.90 4.02 -14.81
CA THR B 150 -8.47 3.98 -16.17
C THR B 150 -7.40 3.81 -17.22
N ASP B 151 -6.13 3.98 -16.83
CA ASP B 151 -4.92 3.94 -17.64
C ASP B 151 -4.77 5.17 -18.53
N PHE B 152 -5.45 6.26 -18.16
CA PHE B 152 -5.15 7.58 -18.69
C PHE B 152 -4.21 8.30 -17.74
N ILE B 153 -3.29 9.08 -18.30
CA ILE B 153 -2.40 9.90 -17.48
C ILE B 153 -3.22 10.92 -16.72
N ASP B 154 -2.97 11.03 -15.41
CA ASP B 154 -3.67 11.98 -14.54
C ASP B 154 -2.67 13.05 -14.12
N GLY B 155 -2.89 14.28 -14.57
CA GLY B 155 -2.08 15.40 -14.13
C GLY B 155 -1.63 16.34 -15.23
N THR B 156 -1.92 16.00 -16.49
CA THR B 156 -1.40 16.75 -17.64
C THR B 156 -1.62 18.25 -17.50
N GLU B 157 -2.82 18.67 -17.12
CA GLU B 157 -3.13 20.09 -17.02
C GLU B 157 -3.14 20.59 -15.58
N ASN B 158 -2.60 19.83 -14.65
CA ASN B 158 -2.34 20.34 -13.31
C ASN B 158 -1.39 21.52 -13.42
N PRO B 159 -1.63 22.62 -12.70
CA PRO B 159 -0.70 23.76 -12.75
C PRO B 159 0.70 23.34 -12.31
N ASP B 160 1.71 23.85 -13.01
CA ASP B 160 3.11 23.52 -12.77
C ASP B 160 3.82 24.67 -12.07
N GLY B 161 4.64 24.35 -11.08
CA GLY B 161 5.57 25.31 -10.54
C GLY B 161 5.00 26.11 -9.38
N ASP B 162 5.91 26.70 -8.60
CA ASP B 162 5.50 27.34 -7.36
C ASP B 162 4.63 28.56 -7.61
N GLU B 163 4.90 29.32 -8.69
CA GLU B 163 4.14 30.54 -8.94
C GLU B 163 2.67 30.25 -9.22
N LEU B 164 2.39 29.41 -10.23
CA LEU B 164 1.00 29.12 -10.55
C LEU B 164 0.31 28.32 -9.46
N ARG B 165 1.04 27.42 -8.77
CA ARG B 165 0.38 26.64 -7.74
C ARG B 165 0.10 27.47 -6.50
N THR B 166 0.92 28.50 -6.23
CA THR B 166 0.57 29.47 -5.20
C THR B 166 -0.66 30.27 -5.62
N GLN B 167 -0.69 30.70 -6.89
CA GLN B 167 -1.82 31.49 -7.39
C GLN B 167 -3.14 30.72 -7.26
N TYR B 168 -3.16 29.47 -7.72
CA TYR B 168 -4.41 28.73 -7.76
C TYR B 168 -4.65 27.89 -6.51
N GLY B 169 -3.61 27.60 -5.73
CA GLY B 169 -3.76 26.66 -4.63
C GLY B 169 -3.87 27.29 -3.25
N LEU B 170 -3.45 28.53 -3.11
CA LEU B 170 -3.33 29.17 -1.79
C LEU B 170 -4.10 30.47 -1.74
N VAL B 171 -4.72 30.75 -0.58
CA VAL B 171 -5.34 32.05 -0.35
C VAL B 171 -4.32 33.15 -0.52
N ALA B 172 -4.72 34.22 -1.23
CA ALA B 172 -3.78 35.27 -1.60
C ALA B 172 -3.22 36.00 -0.40
N ALA B 173 -1.97 36.44 -0.52
CA ALA B 173 -1.35 37.26 0.49
C ALA B 173 -2.16 38.54 0.72
N GLY B 174 -2.27 38.94 1.98
CA GLY B 174 -3.06 40.10 2.36
C GLY B 174 -4.50 39.80 2.71
N GLN B 175 -5.01 38.63 2.33
CA GLN B 175 -6.37 38.21 2.60
C GLN B 175 -6.45 37.49 3.93
N PRO B 176 -7.63 37.47 4.57
CA PRO B 176 -7.82 36.61 5.74
C PRO B 176 -7.42 35.18 5.42
N ASN B 177 -6.72 34.55 6.37
CA ASN B 177 -6.27 33.17 6.23
C ASN B 177 -5.28 32.98 5.08
N GLU B 178 -4.53 34.04 4.75
CA GLU B 178 -3.53 33.99 3.69
C GLU B 178 -2.63 32.76 3.84
N PHE B 179 -2.30 32.16 2.70
CA PHE B 179 -1.43 30.99 2.55
C PHE B 179 -2.04 29.72 3.11
N GLY B 180 -3.32 29.71 3.47
CA GLY B 180 -4.07 28.48 3.64
C GLY B 180 -4.64 28.01 2.32
N SER B 181 -5.33 26.86 2.36
CA SER B 181 -5.90 26.27 1.17
CA SER B 181 -5.89 26.23 1.17
C SER B 181 -7.24 25.61 1.50
N TYR B 182 -8.21 25.81 0.60
CA TYR B 182 -9.42 25.01 0.67
C TYR B 182 -9.13 23.64 0.10
N VAL B 183 -9.69 22.60 0.70
CA VAL B 183 -9.37 21.22 0.37
C VAL B 183 -10.66 20.44 0.12
N PHE B 184 -10.65 19.59 -0.90
CA PHE B 184 -11.75 18.67 -1.17
C PHE B 184 -11.18 17.27 -1.34
N THR B 185 -11.72 16.31 -0.60
CA THR B 185 -11.35 14.91 -0.78
C THR B 185 -12.56 14.11 -1.22
N GLN B 186 -12.32 13.09 -2.05
CA GLN B 186 -13.42 12.28 -2.56
C GLN B 186 -12.84 10.96 -3.03
N ARG B 187 -13.18 9.87 -2.37
CA ARG B 187 -12.69 8.56 -2.79
C ARG B 187 -13.61 7.98 -3.85
N TYR B 188 -13.04 7.62 -5.00
CA TYR B 188 -13.77 6.99 -6.09
C TYR B 188 -13.48 5.50 -6.13
N VAL B 189 -14.53 4.70 -6.37
CA VAL B 189 -14.40 3.27 -6.64
C VAL B 189 -14.64 3.06 -8.13
N HIS B 190 -13.62 2.57 -8.83
CA HIS B 190 -13.70 2.39 -10.27
C HIS B 190 -14.39 1.08 -10.59
N ASN B 191 -15.20 1.08 -11.65
CA ASN B 191 -15.79 -0.14 -12.18
C ASN B 191 -15.00 -0.52 -13.43
N LEU B 192 -13.84 -1.14 -13.22
CA LEU B 192 -12.98 -1.45 -14.36
C LEU B 192 -13.50 -2.61 -15.20
N LYS B 193 -14.30 -3.50 -14.61
CA LYS B 193 -14.96 -4.52 -15.41
C LYS B 193 -15.79 -3.90 -16.52
N LYS B 194 -16.40 -2.73 -16.24
CA LYS B 194 -17.21 -2.02 -17.21
C LYS B 194 -16.35 -1.21 -18.17
N TRP B 195 -15.25 -0.64 -17.67
CA TRP B 195 -14.40 0.26 -18.45
C TRP B 195 -13.48 -0.47 -19.41
N TYR B 196 -12.87 -1.56 -18.96
CA TYR B 196 -11.86 -2.24 -19.78
C TYR B 196 -12.34 -2.65 -21.16
N PRO B 197 -13.56 -3.19 -21.34
CA PRO B 197 -13.98 -3.61 -22.69
C PRO B 197 -14.37 -2.46 -23.60
N GLU B 198 -14.45 -1.24 -23.10
CA GLU B 198 -14.91 -0.14 -23.95
C GLU B 198 -13.90 0.11 -25.06
N PRO B 199 -14.37 0.36 -26.28
CA PRO B 199 -13.46 0.75 -27.36
C PRO B 199 -12.66 1.99 -26.98
N LEU B 200 -11.47 2.11 -27.58
CA LEU B 200 -10.64 3.27 -27.34
C LEU B 200 -11.37 4.58 -27.65
N SER B 201 -12.16 4.61 -28.73
CA SER B 201 -12.88 5.84 -29.07
C SER B 201 -13.84 6.25 -27.96
N VAL B 202 -14.48 5.26 -27.31
CA VAL B 202 -15.38 5.56 -26.19
C VAL B 202 -14.61 6.08 -24.98
N GLN B 203 -13.47 5.44 -24.66
CA GLN B 203 -12.68 5.90 -23.52
C GLN B 203 -12.16 7.32 -23.74
N GLN B 204 -11.70 7.62 -24.97
CA GLN B 204 -11.18 8.96 -25.24
C GLN B 204 -12.31 10.00 -25.28
N ASP B 205 -13.49 9.63 -25.80
CA ASP B 205 -14.65 10.52 -25.70
C ASP B 205 -14.98 10.82 -24.24
N THR B 206 -14.84 9.81 -23.37
CA THR B 206 -15.20 9.94 -21.97
C THR B 206 -14.29 10.93 -21.26
N VAL B 207 -12.97 10.78 -21.46
CA VAL B 207 -11.99 11.61 -20.76
C VAL B 207 -11.83 12.96 -21.46
N GLY B 208 -11.72 12.96 -22.79
CA GLY B 208 -11.47 14.18 -23.54
C GLY B 208 -10.04 14.39 -23.96
N ARG B 209 -9.16 13.40 -23.72
CA ARG B 209 -7.78 13.43 -24.17
C ARG B 209 -7.46 12.06 -24.76
N THR B 210 -6.36 11.97 -25.51
CA THR B 210 -5.97 10.66 -26.02
C THR B 210 -5.34 9.82 -24.91
N LYS B 211 -5.48 8.50 -25.03
CA LYS B 211 -5.04 7.62 -23.96
C LYS B 211 -3.52 7.49 -23.91
N LYS B 212 -2.88 7.27 -25.05
CA LYS B 212 -1.44 7.01 -25.03
C LYS B 212 -0.65 8.22 -24.53
N ASP B 213 -0.92 9.39 -25.09
CA ASP B 213 -0.07 10.55 -24.90
C ASP B 213 -0.76 11.71 -24.20
N SER B 214 -2.04 11.58 -23.84
CA SER B 214 -2.78 12.66 -23.18
C SER B 214 -2.78 13.94 -24.02
N ILE B 215 -2.98 13.78 -25.32
CA ILE B 215 -3.16 14.94 -26.20
C ILE B 215 -4.61 15.36 -26.12
N GLU B 216 -4.85 16.66 -25.96
CA GLU B 216 -6.23 17.14 -25.85
C GLU B 216 -6.99 16.87 -27.14
N ILE B 217 -8.17 16.28 -27.02
CA ILE B 217 -9.06 16.16 -28.18
C ILE B 217 -9.68 17.53 -28.44
N PRO B 218 -9.63 18.04 -29.67
CA PRO B 218 -10.17 19.37 -29.95
C PRO B 218 -11.58 19.51 -29.41
N ARG B 219 -11.86 20.70 -28.85
CA ARG B 219 -13.14 20.96 -28.19
C ARG B 219 -14.32 20.59 -29.07
N ASP B 220 -14.25 20.92 -30.36
CA ASP B 220 -15.38 20.72 -31.28
C ASP B 220 -15.56 19.26 -31.66
N LYS B 221 -14.63 18.38 -31.27
CA LYS B 221 -14.68 16.97 -31.59
C LYS B 221 -14.92 16.10 -30.36
N ARG B 222 -15.00 16.69 -29.17
CA ARG B 222 -15.23 15.85 -28.00
C ARG B 222 -16.54 16.25 -27.34
N PRO B 223 -17.21 15.30 -26.68
CA PRO B 223 -18.49 15.62 -26.04
C PRO B 223 -18.36 16.71 -24.99
N ILE B 224 -19.41 17.54 -24.88
CA ILE B 224 -19.46 18.56 -23.83
C ILE B 224 -19.51 17.92 -22.44
N THR B 225 -19.85 16.63 -22.38
CA THR B 225 -19.87 15.86 -21.14
C THR B 225 -18.58 15.10 -20.88
N SER B 226 -17.59 15.21 -21.78
CA SER B 226 -16.28 14.64 -21.50
C SER B 226 -15.72 15.24 -20.21
N HIS B 227 -14.89 14.47 -19.52
CA HIS B 227 -14.36 14.94 -18.24
C HIS B 227 -13.65 16.28 -18.38
N VAL B 228 -12.79 16.43 -19.39
CA VAL B 228 -12.07 17.69 -19.56
C VAL B 228 -13.04 18.84 -19.82
N SER B 229 -14.07 18.60 -20.64
CA SER B 229 -15.05 19.65 -20.88
C SER B 229 -15.83 20.02 -19.62
N ARG B 230 -16.02 19.06 -18.71
CA ARG B 230 -16.72 19.33 -17.46
C ARG B 230 -15.88 20.13 -16.48
N THR B 231 -14.55 19.96 -16.50
CA THR B 231 -13.72 20.51 -15.43
C THR B 231 -12.85 21.68 -15.86
N ASP B 232 -12.69 21.94 -17.16
CA ASP B 232 -11.90 23.07 -17.64
C ASP B 232 -12.83 24.27 -17.74
N LEU B 233 -13.01 24.97 -16.61
CA LEU B 233 -14.02 25.99 -16.48
C LEU B 233 -13.39 27.37 -16.28
N SER B 234 -14.12 28.40 -16.69
CA SER B 234 -13.66 29.77 -16.56
C SER B 234 -14.84 30.67 -16.18
N GLU B 235 -14.51 31.77 -15.51
CA GLU B 235 -15.45 32.83 -15.20
C GLU B 235 -14.75 34.17 -15.34
N ASN B 236 -15.43 35.14 -15.96
CA ASN B 236 -14.85 36.46 -16.21
C ASN B 236 -13.56 36.36 -17.02
N GLY B 237 -13.47 35.37 -17.90
CA GLY B 237 -12.24 35.14 -18.65
C GLY B 237 -11.10 34.56 -17.84
N LYS B 238 -11.31 34.22 -16.57
CA LYS B 238 -10.28 33.66 -15.72
C LYS B 238 -10.58 32.19 -15.47
N ASP B 239 -9.56 31.35 -15.60
CA ASP B 239 -9.73 29.91 -15.43
C ASP B 239 -9.87 29.56 -13.95
N LEU B 240 -10.78 28.65 -13.65
CA LEU B 240 -11.01 28.17 -12.28
C LEU B 240 -10.12 26.96 -12.00
N LYS B 241 -8.81 27.18 -12.06
CA LYS B 241 -7.90 26.06 -11.90
C LYS B 241 -7.78 25.66 -10.43
N ILE B 242 -7.41 24.40 -10.22
CA ILE B 242 -7.21 23.83 -8.88
C ILE B 242 -5.91 23.03 -8.90
N VAL B 243 -5.41 22.70 -7.70
CA VAL B 243 -4.17 21.94 -7.58
C VAL B 243 -4.56 20.55 -7.10
N ARG B 244 -4.40 19.55 -7.96
CA ARG B 244 -4.80 18.19 -7.62
C ARG B 244 -3.61 17.37 -7.12
N GLN B 245 -3.84 16.57 -6.06
CA GLN B 245 -2.81 15.66 -5.54
C GLN B 245 -3.33 14.23 -5.47
N SER B 246 -4.29 13.90 -6.33
CA SER B 246 -4.95 12.59 -6.32
C SER B 246 -3.97 11.46 -6.61
N LEU B 247 -4.25 10.29 -6.04
CA LEU B 247 -3.45 9.11 -6.27
C LEU B 247 -4.33 7.87 -6.39
N PRO B 248 -3.95 6.93 -7.24
CA PRO B 248 -4.56 5.59 -7.21
C PRO B 248 -4.47 4.91 -5.85
N TYR B 249 -5.41 4.01 -5.59
CA TYR B 249 -5.32 3.17 -4.40
C TYR B 249 -6.02 1.85 -4.71
N GLY B 250 -5.75 0.84 -3.88
CA GLY B 250 -6.62 -0.32 -3.81
C GLY B 250 -5.98 -1.61 -4.29
N GLN B 251 -6.82 -2.63 -4.39
CA GLN B 251 -6.40 -3.98 -4.73
C GLN B 251 -6.68 -4.30 -6.18
N ILE B 252 -5.69 -4.87 -6.87
CA ILE B 252 -5.89 -5.34 -8.23
C ILE B 252 -7.13 -6.22 -8.33
N THR B 253 -7.27 -7.15 -7.37
CA THR B 253 -8.33 -8.15 -7.39
C THR B 253 -9.49 -7.78 -6.48
N GLY B 254 -9.57 -6.53 -6.04
CA GLY B 254 -10.63 -6.11 -5.17
C GLY B 254 -11.06 -4.68 -5.47
N GLU B 255 -11.41 -3.94 -4.43
CA GLU B 255 -11.87 -2.57 -4.61
C GLU B 255 -10.69 -1.65 -4.88
N LYS B 256 -10.83 -0.80 -5.91
CA LYS B 256 -9.74 0.09 -6.29
C LYS B 256 -10.34 1.32 -6.94
N GLY B 257 -9.53 2.37 -7.04
CA GLY B 257 -10.01 3.57 -7.70
C GLY B 257 -9.04 4.71 -7.56
N LEU B 258 -9.58 5.92 -7.42
CA LEU B 258 -8.78 7.13 -7.31
C LEU B 258 -9.13 7.80 -5.99
N MET B 259 -8.12 8.12 -5.20
CA MET B 259 -8.34 8.94 -4.02
C MET B 259 -8.14 10.37 -4.49
N PHE B 260 -9.25 11.05 -4.77
CA PHE B 260 -9.17 12.40 -5.31
C PHE B 260 -8.93 13.41 -4.20
N ILE B 261 -8.03 14.35 -4.44
CA ILE B 261 -7.88 15.48 -3.52
C ILE B 261 -7.48 16.69 -4.33
N ALA B 262 -8.08 17.82 -3.99
CA ALA B 262 -7.75 19.09 -4.63
C ALA B 262 -7.55 20.15 -3.57
N TYR B 263 -6.59 21.03 -3.83
CA TYR B 263 -6.31 22.22 -3.04
C TYR B 263 -6.60 23.45 -3.88
N ALA B 264 -7.18 24.48 -3.27
CA ALA B 264 -7.57 25.64 -4.06
C ALA B 264 -7.56 26.91 -3.23
N CYS B 265 -7.28 28.02 -3.90
CA CYS B 265 -7.34 29.33 -3.27
C CYS B 265 -8.75 29.71 -2.86
N SER B 266 -9.76 29.13 -3.50
CA SER B 266 -11.16 29.45 -3.29
C SER B 266 -11.97 28.17 -3.42
N LEU B 267 -12.84 27.91 -2.45
CA LEU B 267 -13.68 26.71 -2.53
CA LEU B 267 -13.69 26.71 -2.53
C LEU B 267 -14.55 26.73 -3.78
N HIS B 268 -14.91 27.92 -4.25
CA HIS B 268 -15.76 28.06 -5.44
C HIS B 268 -15.14 27.39 -6.66
N ASN B 269 -13.81 27.44 -6.79
CA ASN B 269 -13.15 26.81 -7.93
C ASN B 269 -13.42 25.31 -7.96
N ILE B 270 -13.45 24.68 -6.79
CA ILE B 270 -13.76 23.26 -6.72
C ILE B 270 -15.26 23.04 -6.87
N GLU B 271 -16.06 23.81 -6.15
CA GLU B 271 -17.50 23.54 -6.12
C GLU B 271 -18.13 23.72 -7.51
N LYS B 272 -17.66 24.68 -8.30
CA LYS B 272 -18.22 24.86 -9.64
C LYS B 272 -17.94 23.66 -10.53
N GLN B 273 -16.76 23.04 -10.37
CA GLN B 273 -16.47 21.83 -11.12
C GLN B 273 -17.36 20.68 -10.67
N LEU B 274 -17.65 20.61 -9.37
CA LEU B 274 -18.57 19.58 -8.88
C LEU B 274 -19.98 19.81 -9.43
N GLN B 275 -20.44 21.06 -9.45
CA GLN B 275 -21.73 21.35 -10.05
C GLN B 275 -21.75 20.95 -11.52
N SER B 276 -20.64 21.18 -12.21
CA SER B 276 -20.54 20.81 -13.62
C SER B 276 -20.62 19.30 -13.80
N MET B 277 -19.77 18.56 -13.09
CA MET B 277 -19.69 17.10 -13.24
C MET B 277 -20.99 16.40 -12.85
N PHE B 278 -21.67 16.91 -11.81
CA PHE B 278 -22.80 16.19 -11.25
C PHE B 278 -24.15 16.79 -11.66
N GLY B 279 -24.18 17.54 -12.77
CA GLY B 279 -25.43 17.87 -13.44
C GLY B 279 -26.13 19.15 -13.00
N GLN B 280 -25.50 19.97 -12.16
CA GLN B 280 -26.17 21.15 -11.64
C GLN B 280 -26.04 22.38 -12.51
N LEU B 281 -25.07 22.42 -13.43
CA LEU B 281 -24.92 23.58 -14.28
C LEU B 281 -25.82 23.53 -15.52
N ASP B 282 -25.87 22.38 -16.18
CA ASP B 282 -26.65 22.28 -17.41
C ASP B 282 -27.49 21.00 -17.47
N GLY B 283 -27.68 20.32 -16.35
CA GLY B 283 -28.45 19.09 -16.33
C GLY B 283 -27.73 17.87 -16.83
N LYS B 284 -26.48 18.01 -17.28
CA LYS B 284 -25.73 16.90 -17.85
C LYS B 284 -24.60 16.49 -16.91
N HIS B 285 -24.30 15.19 -16.94
CA HIS B 285 -23.30 14.61 -16.06
C HIS B 285 -22.03 14.27 -16.82
N ASP B 286 -20.92 14.29 -16.09
CA ASP B 286 -19.64 13.81 -16.58
C ASP B 286 -19.74 12.37 -17.05
N LEU B 287 -19.27 12.10 -18.27
CA LEU B 287 -19.26 10.73 -18.80
C LEU B 287 -18.45 9.78 -17.92
N LEU B 288 -17.43 10.29 -17.22
CA LEU B 288 -16.61 9.42 -16.38
C LEU B 288 -17.45 8.75 -15.30
N LEU B 289 -18.54 9.39 -14.89
CA LEU B 289 -19.34 8.84 -13.80
C LEU B 289 -20.14 7.61 -14.21
N LYS B 290 -20.11 7.21 -15.48
CA LYS B 290 -20.65 5.91 -15.83
C LYS B 290 -19.73 4.78 -15.41
N TYR B 291 -18.46 5.08 -15.09
CA TYR B 291 -17.46 4.06 -14.84
C TYR B 291 -16.84 4.11 -13.46
N THR B 292 -17.20 5.09 -12.64
CA THR B 292 -16.60 5.26 -11.31
C THR B 292 -17.62 5.97 -10.44
N THR B 293 -17.53 5.74 -9.14
CA THR B 293 -18.54 6.21 -8.19
C THR B 293 -17.86 6.82 -6.99
N PRO B 294 -18.20 8.05 -6.61
CA PRO B 294 -17.64 8.59 -5.36
C PRO B 294 -18.37 8.00 -4.15
N VAL B 295 -17.59 7.60 -3.14
CA VAL B 295 -18.13 6.94 -1.97
C VAL B 295 -17.79 7.65 -0.66
N THR B 296 -16.92 8.65 -0.69
CA THR B 296 -16.68 9.55 0.44
C THR B 296 -16.60 10.97 -0.12
N GLY B 297 -16.65 11.95 0.77
CA GLY B 297 -16.44 13.32 0.34
C GLY B 297 -16.37 14.27 1.52
N SER B 298 -15.47 15.26 1.47
CA SER B 298 -15.32 16.20 2.57
C SER B 298 -14.69 17.50 2.07
N PHE B 299 -15.14 18.62 2.63
CA PHE B 299 -14.49 19.91 2.45
C PHE B 299 -13.69 20.26 3.70
N TYR B 300 -12.49 20.82 3.54
CA TYR B 300 -11.69 21.27 4.67
C TYR B 300 -10.97 22.56 4.32
N PHE B 301 -10.33 23.16 5.34
CA PHE B 301 -9.38 24.22 5.12
C PHE B 301 -8.06 23.84 5.79
N ALA B 302 -6.98 23.88 5.02
CA ALA B 302 -5.64 23.70 5.55
C ALA B 302 -5.09 25.06 5.91
N PRO B 303 -4.93 25.40 7.20
CA PRO B 303 -4.40 26.72 7.52
C PRO B 303 -2.97 26.87 7.05
N SER B 304 -2.53 28.11 6.93
CA SER B 304 -1.11 28.38 6.83
C SER B 304 -0.38 27.76 8.01
N LYS B 305 0.94 27.59 7.86
CA LYS B 305 1.70 27.01 8.97
C LYS B 305 1.58 27.89 10.22
N LYS B 306 1.61 29.21 10.05
CA LYS B 306 1.45 30.11 11.18
C LYS B 306 0.09 29.92 11.85
N GLU B 307 -0.98 29.93 11.07
CA GLU B 307 -2.30 29.83 11.69
C GLU B 307 -2.54 28.44 12.27
N LEU B 308 -1.94 27.40 11.67
CA LEU B 308 -2.06 26.06 12.23
C LEU B 308 -1.54 26.01 13.66
N LEU B 309 -0.42 26.68 13.93
CA LEU B 309 0.21 26.64 15.24
C LEU B 309 -0.35 27.68 16.19
N GLU B 310 -1.22 28.58 15.71
CA GLU B 310 -1.81 29.62 16.55
C GLU B 310 -3.30 29.39 16.79
N LEU B 311 -3.84 28.24 16.39
CA LEU B 311 -5.24 27.91 16.65
C LEU B 311 -5.63 28.12 18.11
CHA HEM C . 14.32 -13.96 13.51
CHB HEM C . 10.22 -11.38 13.85
CHC HEM C . 7.68 -15.29 12.32
CHD HEM C . 11.87 -17.59 11.45
C1A HEM C . 13.39 -12.97 13.76
C2A HEM C . 13.73 -11.74 14.38
C3A HEM C . 12.59 -11.02 14.47
C4A HEM C . 11.54 -11.77 13.90
CMA HEM C . 12.44 -9.63 15.06
CAA HEM C . 15.11 -11.32 14.86
CBA HEM C . 15.97 -10.60 13.79
CGA HEM C . 16.42 -11.54 12.71
O1A HEM C . 17.42 -12.28 12.86
O2A HEM C . 15.79 -11.57 11.63
C1B HEM C . 9.19 -12.24 13.48
C2B HEM C . 7.81 -11.88 13.52
C3B HEM C . 7.08 -12.95 13.09
C4B HEM C . 8.07 -14.01 12.78
CMB HEM C . 7.32 -10.51 13.95
CAB HEM C . 5.62 -13.12 12.92
CBB HEM C . 4.71 -12.36 13.49
C1C HEM C . 8.60 -16.27 11.94
C2C HEM C . 8.29 -17.57 11.45
C3C HEM C . 9.49 -18.23 11.21
C4C HEM C . 10.52 -17.33 11.57
CMC HEM C . 6.88 -18.06 11.24
CAC HEM C . 9.72 -19.61 10.71
CBC HEM C . 8.92 -20.25 9.86
C1D HEM C . 12.85 -16.73 11.95
C2D HEM C . 14.26 -17.12 11.87
C3D HEM C . 14.96 -16.15 12.47
C4D HEM C . 13.96 -15.14 12.88
CMD HEM C . 14.83 -18.40 11.28
CAD HEM C . 16.46 -16.10 12.65
CBD HEM C . 16.87 -16.90 13.90
CGD HEM C . 18.38 -16.95 14.05
O1D HEM C . 19.05 -17.81 13.42
O2D HEM C . 18.97 -16.14 14.80
NA HEM C . 12.03 -13.00 13.52
NB HEM C . 9.30 -13.50 13.02
NC HEM C . 9.95 -16.18 12.05
ND HEM C . 12.72 -15.50 12.52
FE HEM C . 11.06 -14.61 12.84
CAB VOH D . -7.22 -13.05 -11.42
OAI VOH D . -8.31 -12.44 -10.72
CAL VOH D . -8.53 -11.13 -11.05
CAF VOH D . -7.77 -10.43 -11.98
CAJ VOH D . -8.07 -9.10 -12.23
CAG VOH D . -7.30 -8.39 -13.16
OAC VOH D . -7.80 -7.07 -13.31
CAD VOH D . -9.12 -8.48 -11.57
CAE VOH D . -9.89 -9.18 -10.63
CAK VOH D . -9.59 -10.51 -10.38
OAH VOH D . -10.25 -11.30 -9.50
CAA VOH D . -11.34 -10.65 -8.83
CAB VOH E . 15.45 6.76 12.43
OAI VOH E . 14.59 7.90 12.44
CAL VOH E . 14.19 8.22 11.17
CAF VOH E . 14.61 7.53 10.04
CAJ VOH E . 14.16 7.93 8.79
CAG VOH E . 14.56 7.24 7.65
OAC VOH E . 15.88 6.73 7.84
CAD VOH E . 13.30 9.02 8.67
CAE VOH E . 12.89 9.71 9.79
CAK VOH E . 13.35 9.32 11.05
OAH VOH E . 12.99 9.94 12.22
CAA VOH E . 12.12 11.05 12.01
CAB VOH F . 7.59 -2.83 -18.46
OAI VOH F . 7.10 -1.66 -19.10
CAL VOH F . 7.41 -0.51 -18.42
CAF VOH F . 8.13 -0.48 -17.23
CAJ VOH F . 8.38 0.76 -16.65
CAG VOH F . 9.10 0.86 -15.46
OAC VOH F . 9.32 2.24 -15.15
CAD VOH F . 7.93 1.93 -17.23
CAE VOH F . 7.21 1.90 -18.41
CAK VOH F . 6.95 0.66 -19.00
OAH VOH F . 6.25 0.54 -20.16
CAA VOH F . 5.83 1.81 -20.65
C1 EDO G . 1.89 1.22 -1.45
O1 EDO G . 0.50 1.26 -1.04
C2 EDO G . 2.69 0.63 -0.30
O2 EDO G . 1.91 -0.42 0.29
C1 EDO H . 13.17 -10.38 7.10
O1 EDO H . 12.05 -11.29 7.15
C2 EDO H . 13.52 -10.13 5.65
O2 EDO H . 12.41 -9.57 4.95
O1 OXY I . 11.04 -13.46 10.74
O2 OXY I . 10.38 -12.66 8.95
CHA HEM J . -8.27 16.25 -15.68
CHB HEM J . -9.09 11.68 -14.25
CHC HEM J . -12.13 13.35 -10.83
CHD HEM J . -10.77 17.88 -11.88
C1A HEM J . -8.28 14.88 -15.58
C2A HEM J . -7.65 14.03 -16.51
C3A HEM J . -7.87 12.75 -16.11
C4A HEM J . -8.63 12.80 -14.93
CMA HEM J . -7.38 11.48 -16.79
CAA HEM J . -6.87 14.48 -17.75
CBA HEM J . -5.39 14.76 -17.51
CGA HEM J . -5.15 15.99 -16.66
O1A HEM J . -5.20 17.13 -17.18
O2A HEM J . -4.94 15.85 -15.43
C1B HEM J . -10.00 11.74 -13.21
C2B HEM J . -10.55 10.60 -12.57
C3B HEM J . -11.41 11.04 -11.61
C4B HEM J . -11.37 12.52 -11.68
CMB HEM J . -10.19 9.17 -12.94
CAB HEM J . -12.24 10.28 -10.64
CBB HEM J . -12.69 9.05 -10.88
C1C HEM J . -12.04 14.74 -10.77
C2C HEM J . -12.78 15.62 -9.95
C3C HEM J . -12.40 16.92 -10.26
C4C HEM J . -11.41 16.82 -11.29
CMC HEM J . -13.77 15.18 -8.91
CAC HEM J . -12.85 18.20 -9.68
CBC HEM J . -13.32 18.38 -8.45
C1D HEM J . -9.95 17.76 -13.01
C2D HEM J . -9.39 18.96 -13.64
C3D HEM J . -8.69 18.51 -14.70
C4D HEM J . -8.84 17.05 -14.70
CMD HEM J . -9.53 20.39 -13.17
CAD HEM J . -7.92 19.36 -15.68
CBD HEM J . -8.91 19.93 -16.70
CGD HEM J . -8.20 20.85 -17.67
O1D HEM J . -8.02 22.04 -17.33
O2D HEM J . -7.82 20.45 -18.79
NA HEM J . -8.93 14.10 -14.62
NB HEM J . -10.47 12.85 -12.63
NC HEM J . -11.30 15.50 -11.61
ND HEM J . -9.60 16.60 -13.66
FE HEM J . -10.13 14.84 -13.19
CAB VOH K . -6.37 7.46 15.95
OAI VOH K . -7.00 6.17 15.84
CAL VOH K . -6.12 5.12 15.96
CAF VOH K . -4.76 5.28 16.17
CAJ VOH K . -3.96 4.14 16.27
CAG VOH K . -2.59 4.30 16.47
OAC VOH K . -2.01 3.06 16.92
CAD VOH K . -4.54 2.88 16.16
CAE VOH K . -5.91 2.70 15.96
CAK VOH K . -6.70 3.86 15.87
OAH VOH K . -8.04 3.87 15.67
CAA VOH K . -8.61 2.56 15.59
C1 EDO L . -1.95 14.65 -9.80
O1 EDO L . -1.95 13.79 -8.65
C2 EDO L . -3.16 14.35 -10.66
O2 EDO L . -4.31 14.23 -9.82
O1 OXY M . -8.28 14.54 -11.84
O2 OXY M . -7.29 13.85 -10.29
#